data_2LFA
# 
_entry.id   2LFA 
# 
_audit_conform.dict_name       mmcif_pdbx.dic 
_audit_conform.dict_version    5.391 
_audit_conform.dict_location   http://mmcif.pdb.org/dictionaries/ascii/mmcif_pdbx.dic 
# 
loop_
_database_2.database_id 
_database_2.database_code 
_database_2.pdbx_database_accession 
_database_2.pdbx_DOI 
PDB   2LFA         pdb_00002lfa 10.2210/pdb2lfa/pdb 
RCSB  RCSB102321   ?            ?                   
BMRB  17746        ?            10.13018/BMR17746   
WWPDB D_1000102321 ?            ?                   
# 
loop_
_pdbx_audit_revision_history.ordinal 
_pdbx_audit_revision_history.data_content_type 
_pdbx_audit_revision_history.major_revision 
_pdbx_audit_revision_history.minor_revision 
_pdbx_audit_revision_history.revision_date 
1 'Structure model' 1 0 2012-01-04 
2 'Structure model' 1 1 2024-05-01 
# 
_pdbx_audit_revision_details.ordinal             1 
_pdbx_audit_revision_details.revision_ordinal    1 
_pdbx_audit_revision_details.data_content_type   'Structure model' 
_pdbx_audit_revision_details.provider            repository 
_pdbx_audit_revision_details.type                'Initial release' 
_pdbx_audit_revision_details.description         ? 
_pdbx_audit_revision_details.details             ? 
# 
loop_
_pdbx_audit_revision_group.ordinal 
_pdbx_audit_revision_group.revision_ordinal 
_pdbx_audit_revision_group.data_content_type 
_pdbx_audit_revision_group.group 
1 2 'Structure model' 'Data collection'      
2 2 'Structure model' 'Database references'  
3 2 'Structure model' 'Derived calculations' 
# 
loop_
_pdbx_audit_revision_category.ordinal 
_pdbx_audit_revision_category.revision_ordinal 
_pdbx_audit_revision_category.data_content_type 
_pdbx_audit_revision_category.category 
1 2 'Structure model' chem_comp_atom        
2 2 'Structure model' chem_comp_bond        
3 2 'Structure model' database_2            
4 2 'Structure model' pdbx_nmr_software     
5 2 'Structure model' pdbx_nmr_spectrometer 
6 2 'Structure model' struct_conn           
# 
loop_
_pdbx_audit_revision_item.ordinal 
_pdbx_audit_revision_item.revision_ordinal 
_pdbx_audit_revision_item.data_content_type 
_pdbx_audit_revision_item.item 
1 2 'Structure model' '_database_2.pdbx_DOI'                
2 2 'Structure model' '_database_2.pdbx_database_accession' 
3 2 'Structure model' '_pdbx_nmr_software.name'             
4 2 'Structure model' '_pdbx_nmr_spectrometer.model'        
5 2 'Structure model' '_struct_conn.pdbx_leaving_atom_flag' 
# 
_pdbx_database_status.deposit_site                    BMRB 
_pdbx_database_status.entry_id                        2LFA 
_pdbx_database_status.process_site                    RCSB 
_pdbx_database_status.recvd_initial_deposition_date   2011-06-29 
_pdbx_database_status.SG_entry                        ? 
_pdbx_database_status.status_code                     REL 
_pdbx_database_status.status_code_mr                  REL 
_pdbx_database_status.status_code_sf                  ? 
_pdbx_database_status.status_code_cs                  REL 
_pdbx_database_status.pdb_format_compatible           Y 
_pdbx_database_status.status_code_nmr_data            ? 
_pdbx_database_status.methods_development_category    ? 
# 
_pdbx_database_related.db_id          17746 
_pdbx_database_related.db_name        BMRB 
_pdbx_database_related.content_type   unspecified 
_pdbx_database_related.details        . 
# 
loop_
_audit_author.name 
_audit_author.pdbx_ordinal 
'Huang, H.'   1 
'Das, R.S.'   2 
'Basu, A.'    3 
'Stone, M.P.' 4 
# 
_citation.id                        primary 
_citation.title                     
;Structure of (5'S)-8,5'-Cyclo-2'-deoxyguanosine in DNA.
;
_citation.journal_abbrev            J.Am.Chem.Soc. 
_citation.journal_volume            133 
_citation.page_first                20357 
_citation.page_last                 20368 
_citation.year                      2011 
_citation.journal_id_ASTM           JACSAT 
_citation.country                   US 
_citation.journal_id_ISSN           0002-7863 
_citation.journal_id_CSD            0004 
_citation.book_publisher            ? 
_citation.pdbx_database_id_PubMed   22103478 
_citation.pdbx_database_id_DOI      10.1021/ja207407n 
# 
loop_
_citation_author.citation_id 
_citation_author.name 
_citation_author.ordinal 
_citation_author.identifier_ORCID 
primary 'Huang, H.'   1 ? 
primary 'Das, R.S.'   2 ? 
primary 'Basu, A.K.'  3 ? 
primary 'Stone, M.P.' 4 ? 
# 
loop_
_entity.id 
_entity.type 
_entity.src_method 
_entity.pdbx_description 
_entity.formula_weight 
_entity.pdbx_number_of_molecules 
_entity.pdbx_ec 
_entity.pdbx_mutation 
_entity.pdbx_fragment 
_entity.details 
1 polymer syn 
;DNA (5'-D(*GP*TP*GP*CP*(2LF)P*TP*GP*TP*TP*TP*GP*T)-3')
;
3713.394 1 ? ? ? ? 
2 polymer syn 
;DNA (5'-D(*AP*CP*AP*AP*AP*CP*AP*CP*GP*CP*AP*C)-3')
;
3609.398 1 ? ? ? ? 
# 
loop_
_entity_poly.entity_id 
_entity_poly.type 
_entity_poly.nstd_linkage 
_entity_poly.nstd_monomer 
_entity_poly.pdbx_seq_one_letter_code 
_entity_poly.pdbx_seq_one_letter_code_can 
_entity_poly.pdbx_strand_id 
_entity_poly.pdbx_target_identifier 
1 polydeoxyribonucleotide no yes '(DG)(DT)(DG)(DC)(2LF)(DT)(DG)(DT)(DT)(DT)(DG)(DT)' GTGCXTGTTTGT A ? 
2 polydeoxyribonucleotide no no  '(DA)(DC)(DA)(DA)(DA)(DC)(DA)(DC)(DG)(DC)(DA)(DC)'  ACAAACACGCAC B ? 
# 
loop_
_entity_poly_seq.entity_id 
_entity_poly_seq.num 
_entity_poly_seq.mon_id 
_entity_poly_seq.hetero 
1 1  DG  n 
1 2  DT  n 
1 3  DG  n 
1 4  DC  n 
1 5  2LF n 
1 6  DT  n 
1 7  DG  n 
1 8  DT  n 
1 9  DT  n 
1 10 DT  n 
1 11 DG  n 
1 12 DT  n 
2 1  DA  n 
2 2  DC  n 
2 3  DA  n 
2 4  DA  n 
2 5  DA  n 
2 6  DC  n 
2 7  DA  n 
2 8  DC  n 
2 9  DG  n 
2 10 DC  n 
2 11 DA  n 
2 12 DC  n 
# 
loop_
_chem_comp.id 
_chem_comp.type 
_chem_comp.mon_nstd_flag 
_chem_comp.name 
_chem_comp.pdbx_synonyms 
_chem_comp.formula 
_chem_comp.formula_weight 
2LF 'DNA linking' . 
'(6S,7S,8S,10R)-2-amino-8-hydroxy-4-oxo-3,6,7,8,9,10-hexahydro-4H-7,10-epoxyazepino[1,2-e]purin-6-yl dihydrogen phosphate' ? 
'C10 H12 N5 O7 P' 345.205 
DA  'DNA linking' y "2'-DEOXYADENOSINE-5'-MONOPHOSPHATE" ? 'C10 H14 N5 O6 P' 331.222 
DC  'DNA linking' y "2'-DEOXYCYTIDINE-5'-MONOPHOSPHATE" ? 'C9 H14 N3 O7 P'  307.197 
DG  'DNA linking' y "2'-DEOXYGUANOSINE-5'-MONOPHOSPHATE" ? 'C10 H14 N5 O7 P' 347.221 
DT  'DNA linking' y "THYMIDINE-5'-MONOPHOSPHATE" ? 'C10 H15 N2 O8 P' 322.208 
# 
loop_
_pdbx_poly_seq_scheme.asym_id 
_pdbx_poly_seq_scheme.entity_id 
_pdbx_poly_seq_scheme.seq_id 
_pdbx_poly_seq_scheme.mon_id 
_pdbx_poly_seq_scheme.ndb_seq_num 
_pdbx_poly_seq_scheme.pdb_seq_num 
_pdbx_poly_seq_scheme.auth_seq_num 
_pdbx_poly_seq_scheme.pdb_mon_id 
_pdbx_poly_seq_scheme.auth_mon_id 
_pdbx_poly_seq_scheme.pdb_strand_id 
_pdbx_poly_seq_scheme.pdb_ins_code 
_pdbx_poly_seq_scheme.hetero 
A 1 1  DG  1  1  1  DG  G   A . n 
A 1 2  DT  2  2  2  DT  T   A . n 
A 1 3  DG  3  3  3  DG  G   A . n 
A 1 4  DC  4  4  4  DC  C   A . n 
A 1 5  2LF 5  5  5  2LF CDG A . n 
A 1 6  DT  6  6  6  DT  T   A . n 
A 1 7  DG  7  7  7  DG  G   A . n 
A 1 8  DT  8  8  8  DT  T   A . n 
A 1 9  DT  9  9  9  DT  T   A . n 
A 1 10 DT  10 10 10 DT  T   A . n 
A 1 11 DG  11 11 11 DG  G   A . n 
A 1 12 DT  12 12 12 DT  T   A . n 
B 2 1  DA  1  13 13 DA  A   B . n 
B 2 2  DC  2  14 14 DC  C   B . n 
B 2 3  DA  3  15 15 DA  A   B . n 
B 2 4  DA  4  16 16 DA  A   B . n 
B 2 5  DA  5  17 17 DA  A   B . n 
B 2 6  DC  6  18 18 DC  C   B . n 
B 2 7  DA  7  19 19 DA  A   B . n 
B 2 8  DC  8  20 20 DC  C   B . n 
B 2 9  DG  9  21 21 DG  G   B . n 
B 2 10 DC  10 22 22 DC  C   B . n 
B 2 11 DA  11 23 23 DA  A   B . n 
B 2 12 DC  12 24 24 DC  C   B . n 
# 
_exptl.absorpt_coefficient_mu     ? 
_exptl.absorpt_correction_T_max   ? 
_exptl.absorpt_correction_T_min   ? 
_exptl.absorpt_correction_type    ? 
_exptl.absorpt_process_details    ? 
_exptl.crystals_number            ? 
_exptl.details                    ? 
_exptl.entry_id                   2LFA 
_exptl.method                     'SOLUTION NMR' 
_exptl.method_details             ? 
# 
_struct.entry_id                  2LFA 
_struct.title                     
;Oligonucleotide duplex contaning (5'S)-8,5'-cyclo-2'-deoxyguansine
;
_struct.pdbx_model_details        'closest to the average, model 1' 
_struct.pdbx_CASP_flag            ? 
_struct.pdbx_model_type_details   ? 
# 
_struct_keywords.entry_id        2LFA 
_struct_keywords.pdbx_keywords   DNA 
_struct_keywords.text            
;(5'S)-8, 5'-cyclo-2'-deoxyguanosine, cyclopurine, cyclo-dG, DNA
;
# 
loop_
_struct_asym.id 
_struct_asym.pdbx_blank_PDB_chainid_flag 
_struct_asym.pdbx_modified 
_struct_asym.entity_id 
_struct_asym.details 
A N N 1 ? 
B N N 2 ? 
# 
loop_
_struct_ref.id 
_struct_ref.db_name 
_struct_ref.db_code 
_struct_ref.pdbx_db_accession 
_struct_ref.entity_id 
_struct_ref.pdbx_align_begin 
_struct_ref.pdbx_seq_one_letter_code 
_struct_ref.pdbx_db_isoform 
1 PDB 2LFA 2LFA 1 ? ? ? 
2 PDB 2LFA 2LFA 2 ? ? ? 
# 
loop_
_struct_ref_seq.align_id 
_struct_ref_seq.ref_id 
_struct_ref_seq.pdbx_PDB_id_code 
_struct_ref_seq.pdbx_strand_id 
_struct_ref_seq.seq_align_beg 
_struct_ref_seq.pdbx_seq_align_beg_ins_code 
_struct_ref_seq.seq_align_end 
_struct_ref_seq.pdbx_seq_align_end_ins_code 
_struct_ref_seq.pdbx_db_accession 
_struct_ref_seq.db_align_beg 
_struct_ref_seq.pdbx_db_align_beg_ins_code 
_struct_ref_seq.db_align_end 
_struct_ref_seq.pdbx_db_align_end_ins_code 
_struct_ref_seq.pdbx_auth_seq_align_beg 
_struct_ref_seq.pdbx_auth_seq_align_end 
1 1 2LFA A 1 ? 12 ? 2LFA 1  ? 12 ? 1  12 
2 2 2LFA B 1 ? 12 ? 2LFA 13 ? 24 ? 13 24 
# 
_pdbx_struct_assembly.id                   1 
_pdbx_struct_assembly.details              author_defined_assembly 
_pdbx_struct_assembly.method_details       ? 
_pdbx_struct_assembly.oligomeric_details   dimeric 
_pdbx_struct_assembly.oligomeric_count     2 
# 
_pdbx_struct_assembly_gen.assembly_id       1 
_pdbx_struct_assembly_gen.oper_expression   1 
_pdbx_struct_assembly_gen.asym_id_list      A,B 
# 
_pdbx_struct_oper_list.id                   1 
_pdbx_struct_oper_list.type                 'identity operation' 
_pdbx_struct_oper_list.name                 1_555 
_pdbx_struct_oper_list.symmetry_operation   x,y,z 
_pdbx_struct_oper_list.matrix[1][1]         1.0000000000 
_pdbx_struct_oper_list.matrix[1][2]         0.0000000000 
_pdbx_struct_oper_list.matrix[1][3]         0.0000000000 
_pdbx_struct_oper_list.vector[1]            0.0000000000 
_pdbx_struct_oper_list.matrix[2][1]         0.0000000000 
_pdbx_struct_oper_list.matrix[2][2]         1.0000000000 
_pdbx_struct_oper_list.matrix[2][3]         0.0000000000 
_pdbx_struct_oper_list.vector[2]            0.0000000000 
_pdbx_struct_oper_list.matrix[3][1]         0.0000000000 
_pdbx_struct_oper_list.matrix[3][2]         0.0000000000 
_pdbx_struct_oper_list.matrix[3][3]         1.0000000000 
_pdbx_struct_oper_list.vector[3]            0.0000000000 
# 
_struct_biol.id        1 
_struct_biol.details   ? 
# 
loop_
_struct_conn.id 
_struct_conn.conn_type_id 
_struct_conn.pdbx_leaving_atom_flag 
_struct_conn.pdbx_PDB_id 
_struct_conn.ptnr1_label_asym_id 
_struct_conn.ptnr1_label_comp_id 
_struct_conn.ptnr1_label_seq_id 
_struct_conn.ptnr1_label_atom_id 
_struct_conn.pdbx_ptnr1_label_alt_id 
_struct_conn.pdbx_ptnr1_PDB_ins_code 
_struct_conn.pdbx_ptnr1_standard_comp_id 
_struct_conn.ptnr1_symmetry 
_struct_conn.ptnr2_label_asym_id 
_struct_conn.ptnr2_label_comp_id 
_struct_conn.ptnr2_label_seq_id 
_struct_conn.ptnr2_label_atom_id 
_struct_conn.pdbx_ptnr2_label_alt_id 
_struct_conn.pdbx_ptnr2_PDB_ins_code 
_struct_conn.ptnr1_auth_asym_id 
_struct_conn.ptnr1_auth_comp_id 
_struct_conn.ptnr1_auth_seq_id 
_struct_conn.ptnr2_auth_asym_id 
_struct_conn.ptnr2_auth_comp_id 
_struct_conn.ptnr2_auth_seq_id 
_struct_conn.ptnr2_symmetry 
_struct_conn.pdbx_ptnr3_label_atom_id 
_struct_conn.pdbx_ptnr3_label_seq_id 
_struct_conn.pdbx_ptnr3_label_comp_id 
_struct_conn.pdbx_ptnr3_label_asym_id 
_struct_conn.pdbx_ptnr3_label_alt_id 
_struct_conn.pdbx_ptnr3_PDB_ins_code 
_struct_conn.details 
_struct_conn.pdbx_dist_value 
_struct_conn.pdbx_value_order 
_struct_conn.pdbx_role 
covale1  covale both ? A DC  4  "O3'" ? ? ? 1_555 A 2LF 5  P  ? ? A DC  4  A 2LF 5  1_555 ? ? ? ? ? ? ?            1.607 ? ? 
covale2  covale both ? A 2LF 5  "O3'" ? ? ? 1_555 A DT  6  P  ? ? A 2LF 5  A DT  6  1_555 ? ? ? ? ? ? ?            1.606 ? ? 
hydrog1  hydrog ?    ? A DG  1  N1    ? ? ? 1_555 B DC  12 N3 ? ? A DG  1  B DC  24 1_555 ? ? ? ? ? ? WATSON-CRICK ?     ? ? 
hydrog2  hydrog ?    ? A DG  1  N2    ? ? ? 1_555 B DC  12 O2 ? ? A DG  1  B DC  24 1_555 ? ? ? ? ? ? WATSON-CRICK ?     ? ? 
hydrog3  hydrog ?    ? A DG  1  O6    ? ? ? 1_555 B DC  12 N4 ? ? A DG  1  B DC  24 1_555 ? ? ? ? ? ? WATSON-CRICK ?     ? ? 
hydrog4  hydrog ?    ? A DT  2  N3    ? ? ? 1_555 B DA  11 N1 ? ? A DT  2  B DA  23 1_555 ? ? ? ? ? ? WATSON-CRICK ?     ? ? 
hydrog5  hydrog ?    ? A DT  2  O4    ? ? ? 1_555 B DA  11 N6 ? ? A DT  2  B DA  23 1_555 ? ? ? ? ? ? WATSON-CRICK ?     ? ? 
hydrog6  hydrog ?    ? A DG  3  N1    ? ? ? 1_555 B DC  10 N3 ? ? A DG  3  B DC  22 1_555 ? ? ? ? ? ? WATSON-CRICK ?     ? ? 
hydrog7  hydrog ?    ? A DG  3  N2    ? ? ? 1_555 B DC  10 O2 ? ? A DG  3  B DC  22 1_555 ? ? ? ? ? ? WATSON-CRICK ?     ? ? 
hydrog8  hydrog ?    ? A DG  3  O6    ? ? ? 1_555 B DC  10 N4 ? ? A DG  3  B DC  22 1_555 ? ? ? ? ? ? WATSON-CRICK ?     ? ? 
hydrog9  hydrog ?    ? A DC  4  N3    ? ? ? 1_555 B DG  9  N1 ? ? A DC  4  B DG  21 1_555 ? ? ? ? ? ? WATSON-CRICK ?     ? ? 
hydrog10 hydrog ?    ? A DC  4  N4    ? ? ? 1_555 B DG  9  O6 ? ? A DC  4  B DG  21 1_555 ? ? ? ? ? ? WATSON-CRICK ?     ? ? 
hydrog11 hydrog ?    ? A DC  4  O2    ? ? ? 1_555 B DG  9  N2 ? ? A DC  4  B DG  21 1_555 ? ? ? ? ? ? WATSON-CRICK ?     ? ? 
hydrog12 hydrog ?    ? A DT  6  N3    ? ? ? 1_555 B DA  7  N1 ? ? A DT  6  B DA  19 1_555 ? ? ? ? ? ? WATSON-CRICK ?     ? ? 
hydrog13 hydrog ?    ? A DT  6  O4    ? ? ? 1_555 B DA  7  N6 ? ? A DT  6  B DA  19 1_555 ? ? ? ? ? ? WATSON-CRICK ?     ? ? 
hydrog14 hydrog ?    ? A DG  7  N1    ? ? ? 1_555 B DC  6  N3 ? ? A DG  7  B DC  18 1_555 ? ? ? ? ? ? WATSON-CRICK ?     ? ? 
hydrog15 hydrog ?    ? A DG  7  N2    ? ? ? 1_555 B DC  6  O2 ? ? A DG  7  B DC  18 1_555 ? ? ? ? ? ? WATSON-CRICK ?     ? ? 
hydrog16 hydrog ?    ? A DG  7  O6    ? ? ? 1_555 B DC  6  N4 ? ? A DG  7  B DC  18 1_555 ? ? ? ? ? ? WATSON-CRICK ?     ? ? 
hydrog17 hydrog ?    ? A DT  8  N3    ? ? ? 1_555 B DA  5  N1 ? ? A DT  8  B DA  17 1_555 ? ? ? ? ? ? WATSON-CRICK ?     ? ? 
hydrog18 hydrog ?    ? A DT  8  O4    ? ? ? 1_555 B DA  5  N6 ? ? A DT  8  B DA  17 1_555 ? ? ? ? ? ? WATSON-CRICK ?     ? ? 
hydrog19 hydrog ?    ? A DT  9  N3    ? ? ? 1_555 B DA  4  N1 ? ? A DT  9  B DA  16 1_555 ? ? ? ? ? ? WATSON-CRICK ?     ? ? 
hydrog20 hydrog ?    ? A DT  9  O4    ? ? ? 1_555 B DA  4  N6 ? ? A DT  9  B DA  16 1_555 ? ? ? ? ? ? WATSON-CRICK ?     ? ? 
hydrog21 hydrog ?    ? A DT  10 N3    ? ? ? 1_555 B DA  3  N1 ? ? A DT  10 B DA  15 1_555 ? ? ? ? ? ? WATSON-CRICK ?     ? ? 
hydrog22 hydrog ?    ? A DT  10 O4    ? ? ? 1_555 B DA  3  N6 ? ? A DT  10 B DA  15 1_555 ? ? ? ? ? ? WATSON-CRICK ?     ? ? 
hydrog23 hydrog ?    ? A DG  11 N1    ? ? ? 1_555 B DC  2  N3 ? ? A DG  11 B DC  14 1_555 ? ? ? ? ? ? WATSON-CRICK ?     ? ? 
hydrog24 hydrog ?    ? A DG  11 N2    ? ? ? 1_555 B DC  2  O2 ? ? A DG  11 B DC  14 1_555 ? ? ? ? ? ? WATSON-CRICK ?     ? ? 
hydrog25 hydrog ?    ? A DG  11 O6    ? ? ? 1_555 B DC  2  N4 ? ? A DG  11 B DC  14 1_555 ? ? ? ? ? ? WATSON-CRICK ?     ? ? 
hydrog26 hydrog ?    ? A DT  12 N3    ? ? ? 1_555 B DA  1  N1 ? ? A DT  12 B DA  13 1_555 ? ? ? ? ? ? WATSON-CRICK ?     ? ? 
hydrog27 hydrog ?    ? A DT  12 O4    ? ? ? 1_555 B DA  1  N6 ? ? A DT  12 B DA  13 1_555 ? ? ? ? ? ? WATSON-CRICK ?     ? ? 
# 
loop_
_struct_conn_type.id 
_struct_conn_type.criteria 
_struct_conn_type.reference 
covale ? ? 
hydrog ? ? 
# 
loop_
_pdbx_validate_rmsd_angle.id 
_pdbx_validate_rmsd_angle.PDB_model_num 
_pdbx_validate_rmsd_angle.auth_atom_id_1 
_pdbx_validate_rmsd_angle.auth_asym_id_1 
_pdbx_validate_rmsd_angle.auth_comp_id_1 
_pdbx_validate_rmsd_angle.auth_seq_id_1 
_pdbx_validate_rmsd_angle.PDB_ins_code_1 
_pdbx_validate_rmsd_angle.label_alt_id_1 
_pdbx_validate_rmsd_angle.auth_atom_id_2 
_pdbx_validate_rmsd_angle.auth_asym_id_2 
_pdbx_validate_rmsd_angle.auth_comp_id_2 
_pdbx_validate_rmsd_angle.auth_seq_id_2 
_pdbx_validate_rmsd_angle.PDB_ins_code_2 
_pdbx_validate_rmsd_angle.label_alt_id_2 
_pdbx_validate_rmsd_angle.auth_atom_id_3 
_pdbx_validate_rmsd_angle.auth_asym_id_3 
_pdbx_validate_rmsd_angle.auth_comp_id_3 
_pdbx_validate_rmsd_angle.auth_seq_id_3 
_pdbx_validate_rmsd_angle.PDB_ins_code_3 
_pdbx_validate_rmsd_angle.label_alt_id_3 
_pdbx_validate_rmsd_angle.angle_value 
_pdbx_validate_rmsd_angle.angle_target_value 
_pdbx_validate_rmsd_angle.angle_deviation 
_pdbx_validate_rmsd_angle.angle_standard_deviation 
_pdbx_validate_rmsd_angle.linker_flag 
1  1 N3    A DC 4  ? ? C2    A DC 4  ? ? O2 A DC 4  ? ? 117.04 121.90 -4.86 0.70 N 
2  1 "O4'" A DG 7  ? ? "C1'" A DG 7  ? ? N9 A DG 7  ? ? 110.14 108.30 1.84  0.30 N 
3  1 C6    A DT 9  ? ? C5    A DT 9  ? ? C7 A DT 9  ? ? 119.29 122.90 -3.61 0.60 N 
4  1 "O4'" A DT 10 ? ? "C1'" A DT 10 ? ? N1 A DT 10 ? ? 110.97 108.30 2.67  0.30 N 
5  1 "O4'" A DG 11 ? ? "C1'" A DG 11 ? ? N9 A DG 11 ? ? 110.36 108.30 2.06  0.30 N 
6  1 "O4'" A DT 12 ? ? "C1'" A DT 12 ? ? N1 A DT 12 ? ? 110.39 108.30 2.09  0.30 N 
7  1 C4    B DA 13 ? ? C5    B DA 13 ? ? C6 B DA 13 ? ? 113.67 117.00 -3.33 0.50 N 
8  1 C5    B DA 13 ? ? C6    B DA 13 ? ? N1 B DA 13 ? ? 121.20 117.70 3.50  0.50 N 
9  1 N1    B DA 13 ? ? C6    B DA 13 ? ? N6 B DA 13 ? ? 114.07 118.60 -4.53 0.60 N 
10 1 N3    B DC 14 ? ? C2    B DC 14 ? ? O2 B DC 14 ? ? 116.80 121.90 -5.10 0.70 N 
11 1 C4    B DA 15 ? ? C5    B DA 15 ? ? C6 B DA 15 ? ? 113.68 117.00 -3.32 0.50 N 
12 1 C5    B DA 15 ? ? C6    B DA 15 ? ? N1 B DA 15 ? ? 121.37 117.70 3.67  0.50 N 
13 1 N1    B DA 15 ? ? C6    B DA 15 ? ? N6 B DA 15 ? ? 113.43 118.60 -5.17 0.60 N 
14 1 C4    B DA 16 ? ? C5    B DA 16 ? ? C6 B DA 16 ? ? 113.80 117.00 -3.20 0.50 N 
15 1 C5    B DA 16 ? ? C6    B DA 16 ? ? N1 B DA 16 ? ? 121.45 117.70 3.75  0.50 N 
16 1 N1    B DA 16 ? ? C6    B DA 16 ? ? N6 B DA 16 ? ? 113.83 118.60 -4.77 0.60 N 
17 1 C4    B DA 17 ? ? C5    B DA 17 ? ? C6 B DA 17 ? ? 113.79 117.00 -3.21 0.50 N 
18 1 C5    B DA 17 ? ? C6    B DA 17 ? ? N1 B DA 17 ? ? 121.49 117.70 3.79  0.50 N 
19 1 N1    B DA 17 ? ? C6    B DA 17 ? ? N6 B DA 17 ? ? 114.58 118.60 -4.02 0.60 N 
20 1 "O4'" B DC 18 ? ? "C1'" B DC 18 ? ? N1 B DC 18 ? ? 110.60 108.30 2.30  0.30 N 
21 1 N3    B DC 18 ? ? C2    B DC 18 ? ? O2 B DC 18 ? ? 117.59 121.90 -4.31 0.70 N 
22 1 C4    B DA 19 ? ? C5    B DA 19 ? ? C6 B DA 19 ? ? 113.86 117.00 -3.14 0.50 N 
23 1 C5    B DA 19 ? ? C6    B DA 19 ? ? N1 B DA 19 ? ? 121.48 117.70 3.78  0.50 N 
24 1 N1    B DA 19 ? ? C6    B DA 19 ? ? N6 B DA 19 ? ? 114.03 118.60 -4.57 0.60 N 
25 1 "O4'" B DC 20 ? ? "C1'" B DC 20 ? ? N1 B DC 20 ? ? 111.60 108.30 3.30  0.30 N 
26 1 N3    B DC 22 ? ? C2    B DC 22 ? ? O2 B DC 22 ? ? 117.52 121.90 -4.38 0.70 N 
27 1 C4    B DA 23 ? ? C5    B DA 23 ? ? C6 B DA 23 ? ? 113.90 117.00 -3.10 0.50 N 
28 1 C5    B DA 23 ? ? C6    B DA 23 ? ? N1 B DA 23 ? ? 121.46 117.70 3.76  0.50 N 
29 1 N1    B DA 23 ? ? C6    B DA 23 ? ? N6 B DA 23 ? ? 113.83 118.60 -4.77 0.60 N 
30 1 "O4'" B DC 24 ? ? "C1'" B DC 24 ? ? N1 B DC 24 ? ? 111.07 108.30 2.77  0.30 N 
# 
loop_
_pdbx_validate_planes.id 
_pdbx_validate_planes.PDB_model_num 
_pdbx_validate_planes.auth_comp_id 
_pdbx_validate_planes.auth_asym_id 
_pdbx_validate_planes.auth_seq_id 
_pdbx_validate_planes.PDB_ins_code 
_pdbx_validate_planes.label_alt_id 
_pdbx_validate_planes.rmsd 
_pdbx_validate_planes.type 
1 1 DG A 1  ? ? 0.068 'SIDE CHAIN' 
2 1 DT A 2  ? ? 0.077 'SIDE CHAIN' 
3 1 DG A 11 ? ? 0.056 'SIDE CHAIN' 
# 
_pdbx_nmr_ensemble.average_constraint_violations_per_residue     ? 
_pdbx_nmr_ensemble.average_constraints_per_residue               ? 
_pdbx_nmr_ensemble.average_distance_constraint_violation         ? 
_pdbx_nmr_ensemble.average_torsion_angle_constraint_violation    ? 
_pdbx_nmr_ensemble.conformer_selection_criteria                  'back calculated data agree with experimental NOESY spectrum' 
_pdbx_nmr_ensemble.conformers_calculated_total_number            10 
_pdbx_nmr_ensemble.conformers_submitted_total_number             1 
_pdbx_nmr_ensemble.distance_constraint_violation_method          ? 
_pdbx_nmr_ensemble.entry_id                                      2LFA 
_pdbx_nmr_ensemble.maximum_distance_constraint_violation         ? 
_pdbx_nmr_ensemble.maximum_lower_distance_constraint_violation   ? 
_pdbx_nmr_ensemble.maximum_torsion_angle_constraint_violation    ? 
_pdbx_nmr_ensemble.maximum_upper_distance_constraint_violation   ? 
_pdbx_nmr_ensemble.torsion_angle_constraint_violation_method     ? 
# 
_pdbx_nmr_representative.conformer_id         1 
_pdbx_nmr_representative.entry_id             2LFA 
_pdbx_nmr_representative.selection_criteria   'closest to the average' 
# 
_pdbx_nmr_sample_details.contents         
;1.0 mM DNA (5'-D(*GP*TP*GP*CP*TP*GP*TP*TP*TP*GP*T)-3'), 1.0 mM DNA (5'-D(*AP*CP*AP*AP*AP*CP*AP*CP*GP*CP*AP*C)-3'), 100% D2O
;
_pdbx_nmr_sample_details.solution_id      1 
_pdbx_nmr_sample_details.solvent_system   '100% D2O' 
# 
loop_
_pdbx_nmr_exptl_sample.component 
_pdbx_nmr_exptl_sample.concentration 
_pdbx_nmr_exptl_sample.concentration_range 
_pdbx_nmr_exptl_sample.concentration_units 
_pdbx_nmr_exptl_sample.isotopic_labeling 
_pdbx_nmr_exptl_sample.solution_id 
;DNA (5'-D(*GP*TP*GP*CP*TP*GP*TP*TP*TP*GP*T)-3')-1
;
1.0 ? mM ? 1 
;DNA (5'-D(*AP*CP*AP*AP*AP*CP*AP*CP*GP*CP*AP*C)-3')-2
;
1.0 ? mM ? 1 
# 
_pdbx_nmr_exptl_sample_conditions.conditions_id       1 
_pdbx_nmr_exptl_sample_conditions.ionic_strength      100 
_pdbx_nmr_exptl_sample_conditions.pH                  7.0 
_pdbx_nmr_exptl_sample_conditions.pressure            ambient 
_pdbx_nmr_exptl_sample_conditions.pressure_units      ? 
_pdbx_nmr_exptl_sample_conditions.temperature         298 
_pdbx_nmr_exptl_sample_conditions.temperature_units   K 
# 
loop_
_pdbx_nmr_exptl.conditions_id 
_pdbx_nmr_exptl.experiment_id 
_pdbx_nmr_exptl.solution_id 
_pdbx_nmr_exptl.type 
1 1 1 '2D 1H-1H NOESY' 
1 2 1 '2D 1H-1H COSY'  
# 
_pdbx_nmr_refine.entry_id           2LFA 
_pdbx_nmr_refine.method             'simulated annealing' 
_pdbx_nmr_refine.details            ? 
_pdbx_nmr_refine.software_ordinal   1 
# 
_pdbx_nmr_software.authors          'Case, Darden, Cheatham, III, Simmerling, Wang, Duke, Luo, and Kollm' 
_pdbx_nmr_software.classification   refinement 
_pdbx_nmr_software.name             Amber 
_pdbx_nmr_software.version          10 
_pdbx_nmr_software.ordinal          1 
# 
loop_
_chem_comp_atom.comp_id 
_chem_comp_atom.atom_id 
_chem_comp_atom.type_symbol 
_chem_comp_atom.pdbx_aromatic_flag 
_chem_comp_atom.pdbx_stereo_config 
_chem_comp_atom.pdbx_ordinal 
2LF P      P N N 1   
2LF N1     N N N 2   
2LF C2     C N N 3   
2LF N2     N N N 4   
2LF N3     N N N 5   
2LF C4     C Y N 6   
2LF C5     C Y N 7   
2LF C6     C N N 8   
2LF O6     O N N 9   
2LF N7     N Y N 10  
2LF C8     C Y N 11  
2LF N9     N Y N 12  
2LF "C1'"  C N R 13  
2LF OP3    O N N 14  
2LF "C2'"  C N N 15  
2LF OP2    O N N 16  
2LF "C3'"  C N S 17  
2LF "O3'"  O N N 18  
2LF "C4'"  C N S 19  
2LF "O4'"  O N N 20  
2LF "C5'"  C N S 21  
2LF "O5'"  O N N 22  
2LF HN1    H N N 23  
2LF "H1'"  H N N 24  
2LF "H2'"  H N N 25  
2LF "H'2'" H N N 26  
2LF HN2    H N N 27  
2LF HN2A   H N N 28  
2LF "H3'"  H N N 29  
2LF "H4'"  H N N 30  
2LF "H5'"  H N N 31  
2LF HOP3   H N N 32  
2LF HOP2   H N N 33  
2LF "HO3'" H N N 34  
2LF OP1    O N N 35  
DA  OP3    O N N 36  
DA  P      P N N 37  
DA  OP1    O N N 38  
DA  OP2    O N N 39  
DA  "O5'"  O N N 40  
DA  "C5'"  C N N 41  
DA  "C4'"  C N R 42  
DA  "O4'"  O N N 43  
DA  "C3'"  C N S 44  
DA  "O3'"  O N N 45  
DA  "C2'"  C N N 46  
DA  "C1'"  C N R 47  
DA  N9     N Y N 48  
DA  C8     C Y N 49  
DA  N7     N Y N 50  
DA  C5     C Y N 51  
DA  C6     C Y N 52  
DA  N6     N N N 53  
DA  N1     N Y N 54  
DA  C2     C Y N 55  
DA  N3     N Y N 56  
DA  C4     C Y N 57  
DA  HOP3   H N N 58  
DA  HOP2   H N N 59  
DA  "H5'"  H N N 60  
DA  "H5''" H N N 61  
DA  "H4'"  H N N 62  
DA  "H3'"  H N N 63  
DA  "HO3'" H N N 64  
DA  "H2'"  H N N 65  
DA  "H2''" H N N 66  
DA  "H1'"  H N N 67  
DA  H8     H N N 68  
DA  H61    H N N 69  
DA  H62    H N N 70  
DA  H2     H N N 71  
DC  OP3    O N N 72  
DC  P      P N N 73  
DC  OP1    O N N 74  
DC  OP2    O N N 75  
DC  "O5'"  O N N 76  
DC  "C5'"  C N N 77  
DC  "C4'"  C N R 78  
DC  "O4'"  O N N 79  
DC  "C3'"  C N S 80  
DC  "O3'"  O N N 81  
DC  "C2'"  C N N 82  
DC  "C1'"  C N R 83  
DC  N1     N N N 84  
DC  C2     C N N 85  
DC  O2     O N N 86  
DC  N3     N N N 87  
DC  C4     C N N 88  
DC  N4     N N N 89  
DC  C5     C N N 90  
DC  C6     C N N 91  
DC  HOP3   H N N 92  
DC  HOP2   H N N 93  
DC  "H5'"  H N N 94  
DC  "H5''" H N N 95  
DC  "H4'"  H N N 96  
DC  "H3'"  H N N 97  
DC  "HO3'" H N N 98  
DC  "H2'"  H N N 99  
DC  "H2''" H N N 100 
DC  "H1'"  H N N 101 
DC  H41    H N N 102 
DC  H42    H N N 103 
DC  H5     H N N 104 
DC  H6     H N N 105 
DG  OP3    O N N 106 
DG  P      P N N 107 
DG  OP1    O N N 108 
DG  OP2    O N N 109 
DG  "O5'"  O N N 110 
DG  "C5'"  C N N 111 
DG  "C4'"  C N R 112 
DG  "O4'"  O N N 113 
DG  "C3'"  C N S 114 
DG  "O3'"  O N N 115 
DG  "C2'"  C N N 116 
DG  "C1'"  C N R 117 
DG  N9     N Y N 118 
DG  C8     C Y N 119 
DG  N7     N Y N 120 
DG  C5     C Y N 121 
DG  C6     C N N 122 
DG  O6     O N N 123 
DG  N1     N N N 124 
DG  C2     C N N 125 
DG  N2     N N N 126 
DG  N3     N N N 127 
DG  C4     C Y N 128 
DG  HOP3   H N N 129 
DG  HOP2   H N N 130 
DG  "H5'"  H N N 131 
DG  "H5''" H N N 132 
DG  "H4'"  H N N 133 
DG  "H3'"  H N N 134 
DG  "HO3'" H N N 135 
DG  "H2'"  H N N 136 
DG  "H2''" H N N 137 
DG  "H1'"  H N N 138 
DG  H8     H N N 139 
DG  H1     H N N 140 
DG  H21    H N N 141 
DG  H22    H N N 142 
DT  OP3    O N N 143 
DT  P      P N N 144 
DT  OP1    O N N 145 
DT  OP2    O N N 146 
DT  "O5'"  O N N 147 
DT  "C5'"  C N N 148 
DT  "C4'"  C N R 149 
DT  "O4'"  O N N 150 
DT  "C3'"  C N S 151 
DT  "O3'"  O N N 152 
DT  "C2'"  C N N 153 
DT  "C1'"  C N R 154 
DT  N1     N N N 155 
DT  C2     C N N 156 
DT  O2     O N N 157 
DT  N3     N N N 158 
DT  C4     C N N 159 
DT  O4     O N N 160 
DT  C5     C N N 161 
DT  C7     C N N 162 
DT  C6     C N N 163 
DT  HOP3   H N N 164 
DT  HOP2   H N N 165 
DT  "H5'"  H N N 166 
DT  "H5''" H N N 167 
DT  "H4'"  H N N 168 
DT  "H3'"  H N N 169 
DT  "HO3'" H N N 170 
DT  "H2'"  H N N 171 
DT  "H2''" H N N 172 
DT  "H1'"  H N N 173 
DT  H3     H N N 174 
DT  H71    H N N 175 
DT  H72    H N N 176 
DT  H73    H N N 177 
DT  H6     H N N 178 
# 
loop_
_chem_comp_bond.comp_id 
_chem_comp_bond.atom_id_1 
_chem_comp_bond.atom_id_2 
_chem_comp_bond.value_order 
_chem_comp_bond.pdbx_aromatic_flag 
_chem_comp_bond.pdbx_stereo_config 
_chem_comp_bond.pdbx_ordinal 
2LF P     OP2    sing N N 1   
2LF P     "O5'"  sing N N 2   
2LF N1    HN1    sing N N 3   
2LF N1    C2     sing N N 4   
2LF C2    N2     sing N N 5   
2LF N2    HN2A   sing N N 6   
2LF N2    HN2    sing N N 7   
2LF N3    C2     doub N N 8   
2LF C4    N3     sing N N 9   
2LF C5    C4     doub Y N 10  
2LF C5    C6     sing N N 11  
2LF C6    N1     sing N N 12  
2LF O6    C6     doub N N 13  
2LF N7    C5     sing Y N 14  
2LF N7    C8     doub Y N 15  
2LF C8    N9     sing Y N 16  
2LF N9    C4     sing Y N 17  
2LF N9    "C1'"  sing N N 18  
2LF "C1'" "H1'"  sing N N 19  
2LF "C1'" "C2'"  sing N N 20  
2LF OP3   P      sing N N 21  
2LF OP3   HOP3   sing N N 22  
2LF "C2'" "H'2'" sing N N 23  
2LF "C2'" "H2'"  sing N N 24  
2LF OP2   HOP2   sing N N 25  
2LF "C3'" "C2'"  sing N N 26  
2LF "C3'" "H3'"  sing N N 27  
2LF "C3'" "O3'"  sing N N 28  
2LF "O3'" "HO3'" sing N N 29  
2LF "C4'" "C3'"  sing N N 30  
2LF "O4'" "C1'"  sing N N 31  
2LF "O4'" "C4'"  sing N N 32  
2LF "C5'" C8     sing N N 33  
2LF "C5'" "C4'"  sing N N 34  
2LF "O5'" "C5'"  sing N N 35  
2LF "H4'" "C4'"  sing N N 36  
2LF "H5'" "C5'"  sing N N 37  
2LF P     OP1    doub N N 38  
DA  OP3   P      sing N N 39  
DA  OP3   HOP3   sing N N 40  
DA  P     OP1    doub N N 41  
DA  P     OP2    sing N N 42  
DA  P     "O5'"  sing N N 43  
DA  OP2   HOP2   sing N N 44  
DA  "O5'" "C5'"  sing N N 45  
DA  "C5'" "C4'"  sing N N 46  
DA  "C5'" "H5'"  sing N N 47  
DA  "C5'" "H5''" sing N N 48  
DA  "C4'" "O4'"  sing N N 49  
DA  "C4'" "C3'"  sing N N 50  
DA  "C4'" "H4'"  sing N N 51  
DA  "O4'" "C1'"  sing N N 52  
DA  "C3'" "O3'"  sing N N 53  
DA  "C3'" "C2'"  sing N N 54  
DA  "C3'" "H3'"  sing N N 55  
DA  "O3'" "HO3'" sing N N 56  
DA  "C2'" "C1'"  sing N N 57  
DA  "C2'" "H2'"  sing N N 58  
DA  "C2'" "H2''" sing N N 59  
DA  "C1'" N9     sing N N 60  
DA  "C1'" "H1'"  sing N N 61  
DA  N9    C8     sing Y N 62  
DA  N9    C4     sing Y N 63  
DA  C8    N7     doub Y N 64  
DA  C8    H8     sing N N 65  
DA  N7    C5     sing Y N 66  
DA  C5    C6     sing Y N 67  
DA  C5    C4     doub Y N 68  
DA  C6    N6     sing N N 69  
DA  C6    N1     doub Y N 70  
DA  N6    H61    sing N N 71  
DA  N6    H62    sing N N 72  
DA  N1    C2     sing Y N 73  
DA  C2    N3     doub Y N 74  
DA  C2    H2     sing N N 75  
DA  N3    C4     sing Y N 76  
DC  OP3   P      sing N N 77  
DC  OP3   HOP3   sing N N 78  
DC  P     OP1    doub N N 79  
DC  P     OP2    sing N N 80  
DC  P     "O5'"  sing N N 81  
DC  OP2   HOP2   sing N N 82  
DC  "O5'" "C5'"  sing N N 83  
DC  "C5'" "C4'"  sing N N 84  
DC  "C5'" "H5'"  sing N N 85  
DC  "C5'" "H5''" sing N N 86  
DC  "C4'" "O4'"  sing N N 87  
DC  "C4'" "C3'"  sing N N 88  
DC  "C4'" "H4'"  sing N N 89  
DC  "O4'" "C1'"  sing N N 90  
DC  "C3'" "O3'"  sing N N 91  
DC  "C3'" "C2'"  sing N N 92  
DC  "C3'" "H3'"  sing N N 93  
DC  "O3'" "HO3'" sing N N 94  
DC  "C2'" "C1'"  sing N N 95  
DC  "C2'" "H2'"  sing N N 96  
DC  "C2'" "H2''" sing N N 97  
DC  "C1'" N1     sing N N 98  
DC  "C1'" "H1'"  sing N N 99  
DC  N1    C2     sing N N 100 
DC  N1    C6     sing N N 101 
DC  C2    O2     doub N N 102 
DC  C2    N3     sing N N 103 
DC  N3    C4     doub N N 104 
DC  C4    N4     sing N N 105 
DC  C4    C5     sing N N 106 
DC  N4    H41    sing N N 107 
DC  N4    H42    sing N N 108 
DC  C5    C6     doub N N 109 
DC  C5    H5     sing N N 110 
DC  C6    H6     sing N N 111 
DG  OP3   P      sing N N 112 
DG  OP3   HOP3   sing N N 113 
DG  P     OP1    doub N N 114 
DG  P     OP2    sing N N 115 
DG  P     "O5'"  sing N N 116 
DG  OP2   HOP2   sing N N 117 
DG  "O5'" "C5'"  sing N N 118 
DG  "C5'" "C4'"  sing N N 119 
DG  "C5'" "H5'"  sing N N 120 
DG  "C5'" "H5''" sing N N 121 
DG  "C4'" "O4'"  sing N N 122 
DG  "C4'" "C3'"  sing N N 123 
DG  "C4'" "H4'"  sing N N 124 
DG  "O4'" "C1'"  sing N N 125 
DG  "C3'" "O3'"  sing N N 126 
DG  "C3'" "C2'"  sing N N 127 
DG  "C3'" "H3'"  sing N N 128 
DG  "O3'" "HO3'" sing N N 129 
DG  "C2'" "C1'"  sing N N 130 
DG  "C2'" "H2'"  sing N N 131 
DG  "C2'" "H2''" sing N N 132 
DG  "C1'" N9     sing N N 133 
DG  "C1'" "H1'"  sing N N 134 
DG  N9    C8     sing Y N 135 
DG  N9    C4     sing Y N 136 
DG  C8    N7     doub Y N 137 
DG  C8    H8     sing N N 138 
DG  N7    C5     sing Y N 139 
DG  C5    C6     sing N N 140 
DG  C5    C4     doub Y N 141 
DG  C6    O6     doub N N 142 
DG  C6    N1     sing N N 143 
DG  N1    C2     sing N N 144 
DG  N1    H1     sing N N 145 
DG  C2    N2     sing N N 146 
DG  C2    N3     doub N N 147 
DG  N2    H21    sing N N 148 
DG  N2    H22    sing N N 149 
DG  N3    C4     sing N N 150 
DT  OP3   P      sing N N 151 
DT  OP3   HOP3   sing N N 152 
DT  P     OP1    doub N N 153 
DT  P     OP2    sing N N 154 
DT  P     "O5'"  sing N N 155 
DT  OP2   HOP2   sing N N 156 
DT  "O5'" "C5'"  sing N N 157 
DT  "C5'" "C4'"  sing N N 158 
DT  "C5'" "H5'"  sing N N 159 
DT  "C5'" "H5''" sing N N 160 
DT  "C4'" "O4'"  sing N N 161 
DT  "C4'" "C3'"  sing N N 162 
DT  "C4'" "H4'"  sing N N 163 
DT  "O4'" "C1'"  sing N N 164 
DT  "C3'" "O3'"  sing N N 165 
DT  "C3'" "C2'"  sing N N 166 
DT  "C3'" "H3'"  sing N N 167 
DT  "O3'" "HO3'" sing N N 168 
DT  "C2'" "C1'"  sing N N 169 
DT  "C2'" "H2'"  sing N N 170 
DT  "C2'" "H2''" sing N N 171 
DT  "C1'" N1     sing N N 172 
DT  "C1'" "H1'"  sing N N 173 
DT  N1    C2     sing N N 174 
DT  N1    C6     sing N N 175 
DT  C2    O2     doub N N 176 
DT  C2    N3     sing N N 177 
DT  N3    C4     sing N N 178 
DT  N3    H3     sing N N 179 
DT  C4    O4     doub N N 180 
DT  C4    C5     sing N N 181 
DT  C5    C7     sing N N 182 
DT  C5    C6     doub N N 183 
DT  C7    H71    sing N N 184 
DT  C7    H72    sing N N 185 
DT  C7    H73    sing N N 186 
DT  C6    H6     sing N N 187 
# 
loop_
_ndb_struct_conf_na.entry_id 
_ndb_struct_conf_na.feature 
2LFA 'double helix'         
2LFA 'b-form double helix'  
2LFA 'mismatched base pair' 
# 
loop_
_ndb_struct_na_base_pair.model_number 
_ndb_struct_na_base_pair.i_label_asym_id 
_ndb_struct_na_base_pair.i_label_comp_id 
_ndb_struct_na_base_pair.i_label_seq_id 
_ndb_struct_na_base_pair.i_symmetry 
_ndb_struct_na_base_pair.j_label_asym_id 
_ndb_struct_na_base_pair.j_label_comp_id 
_ndb_struct_na_base_pair.j_label_seq_id 
_ndb_struct_na_base_pair.j_symmetry 
_ndb_struct_na_base_pair.shear 
_ndb_struct_na_base_pair.stretch 
_ndb_struct_na_base_pair.stagger 
_ndb_struct_na_base_pair.buckle 
_ndb_struct_na_base_pair.propeller 
_ndb_struct_na_base_pair.opening 
_ndb_struct_na_base_pair.pair_number 
_ndb_struct_na_base_pair.pair_name 
_ndb_struct_na_base_pair.i_auth_asym_id 
_ndb_struct_na_base_pair.i_auth_seq_id 
_ndb_struct_na_base_pair.i_PDB_ins_code 
_ndb_struct_na_base_pair.j_auth_asym_id 
_ndb_struct_na_base_pair.j_auth_seq_id 
_ndb_struct_na_base_pair.j_PDB_ins_code 
_ndb_struct_na_base_pair.hbond_type_28 
_ndb_struct_na_base_pair.hbond_type_12 
1 A DG 1  1_555 B DC 12 1_555 -0.467 -0.170 0.239  2.778   15.842  2.764   1  A_DG1:DC24_B  A 1  ? B 24 ? 19 1 
1 A DT 2  1_555 B DA 11 1_555 -0.258 0.087  -0.186 7.316   0.279   -5.201  2  A_DT2:DA23_B  A 2  ? B 23 ? 20 1 
1 A DG 3  1_555 B DC 10 1_555 -0.279 -0.072 0.384  16.449  5.095   -0.431  3  A_DG3:DC22_B  A 3  ? B 22 ? 19 1 
1 A DC 4  1_555 B DG 9  1_555 0.403  -0.082 -0.406 21.360  -12.631 1.750   4  A_DC4:DG21_B  A 4  ? B 21 ? 19 1 
1 A DT 6  1_555 B DA 7  1_555 -0.441 0.249  -0.498 10.485  -2.548  -11.276 5  A_DT6:DA19_B  A 6  ? B 19 ? 20 1 
1 A DG 7  1_555 B DC 6  1_555 -0.244 -0.136 0.209  -2.632  -12.301 -2.288  6  A_DG7:DC18_B  A 7  ? B 18 ? 19 1 
1 A DT 8  1_555 B DA 5  1_555 -0.284 0.014  0.146  -11.896 -18.191 -4.920  7  A_DT8:DA17_B  A 8  ? B 17 ? 20 1 
1 A DT 9  1_555 B DA 4  1_555 -0.189 0.021  0.078  -13.202 -19.068 -1.404  8  A_DT9:DA16_B  A 9  ? B 16 ? 20 1 
1 A DT 10 1_555 B DA 3  1_555 0.003  -0.040 0.000  -15.176 -18.132 -0.401  9  A_DT10:DA15_B A 10 ? B 15 ? 20 1 
1 A DG 11 1_555 B DC 2  1_555 -0.337 -0.075 -0.108 -25.142 -19.558 -2.912  10 A_DG11:DC14_B A 11 ? B 14 ? 19 1 
1 A DT 12 1_555 B DA 1  1_555 -0.042 -0.063 0.916  -17.426 -4.244  -1.048  11 A_DT12:DA13_B A 12 ? B 13 ? 20 1 
# 
loop_
_ndb_struct_na_base_pair_step.model_number 
_ndb_struct_na_base_pair_step.i_label_asym_id_1 
_ndb_struct_na_base_pair_step.i_label_comp_id_1 
_ndb_struct_na_base_pair_step.i_label_seq_id_1 
_ndb_struct_na_base_pair_step.i_symmetry_1 
_ndb_struct_na_base_pair_step.j_label_asym_id_1 
_ndb_struct_na_base_pair_step.j_label_comp_id_1 
_ndb_struct_na_base_pair_step.j_label_seq_id_1 
_ndb_struct_na_base_pair_step.j_symmetry_1 
_ndb_struct_na_base_pair_step.i_label_asym_id_2 
_ndb_struct_na_base_pair_step.i_label_comp_id_2 
_ndb_struct_na_base_pair_step.i_label_seq_id_2 
_ndb_struct_na_base_pair_step.i_symmetry_2 
_ndb_struct_na_base_pair_step.j_label_asym_id_2 
_ndb_struct_na_base_pair_step.j_label_comp_id_2 
_ndb_struct_na_base_pair_step.j_label_seq_id_2 
_ndb_struct_na_base_pair_step.j_symmetry_2 
_ndb_struct_na_base_pair_step.shift 
_ndb_struct_na_base_pair_step.slide 
_ndb_struct_na_base_pair_step.rise 
_ndb_struct_na_base_pair_step.tilt 
_ndb_struct_na_base_pair_step.roll 
_ndb_struct_na_base_pair_step.twist 
_ndb_struct_na_base_pair_step.x_displacement 
_ndb_struct_na_base_pair_step.y_displacement 
_ndb_struct_na_base_pair_step.helical_rise 
_ndb_struct_na_base_pair_step.inclination 
_ndb_struct_na_base_pair_step.tip 
_ndb_struct_na_base_pair_step.helical_twist 
_ndb_struct_na_base_pair_step.step_number 
_ndb_struct_na_base_pair_step.step_name 
_ndb_struct_na_base_pair_step.i_auth_asym_id_1 
_ndb_struct_na_base_pair_step.i_auth_seq_id_1 
_ndb_struct_na_base_pair_step.i_PDB_ins_code_1 
_ndb_struct_na_base_pair_step.j_auth_asym_id_1 
_ndb_struct_na_base_pair_step.j_auth_seq_id_1 
_ndb_struct_na_base_pair_step.j_PDB_ins_code_1 
_ndb_struct_na_base_pair_step.i_auth_asym_id_2 
_ndb_struct_na_base_pair_step.i_auth_seq_id_2 
_ndb_struct_na_base_pair_step.i_PDB_ins_code_2 
_ndb_struct_na_base_pair_step.j_auth_asym_id_2 
_ndb_struct_na_base_pair_step.j_auth_seq_id_2 
_ndb_struct_na_base_pair_step.j_PDB_ins_code_2 
1 A DG 1  1_555 B DC 12 1_555 A DT 2  1_555 B DA 11 1_555 -0.797 -0.726 3.386 6.000  -0.125 27.408 -1.469 3.076  3.147 -0.259 
-12.473 28.045 1  AA_DG1DT2:DA23DC24_BB   A 1  ? B 24 ? A 2  ? B 23 ? 
1 A DT 2  1_555 B DA 11 1_555 A DG 3  1_555 B DC 10 1_555 0.800  -0.684 3.024 -3.325 10.836 30.038 -2.952 -1.975 2.531 20.032 
6.148   32.059 2  AA_DT2DG3:DC22DA23_BB   A 2  ? B 23 ? A 3  ? B 22 ? 
1 A DG 3  1_555 B DC 10 1_555 A DC 4  1_555 B DG 9  1_555 0.370  -0.446 3.292 7.988  1.611  35.879 -0.930 0.520  3.274 2.574  
-12.765 36.763 3  AA_DG3DC4:DG21DC22_BB   A 3  ? B 22 ? A 4  ? B 21 ? 
1 A DC 4  1_555 B DG 9  1_555 A DT 6  1_555 B DA 7  1_555 -1.620 -0.444 6.720 -6.075 20.689 69.129 -1.816 0.955  6.493 17.802 
5.227   72.012 4  AA_DC4DT6:DA19DG21_BB   A 4  ? B 21 ? A 6  ? B 19 ? 
1 A DT 6  1_555 B DA 7  1_555 A DG 7  1_555 B DC 6  1_555 0.705  -1.195 3.628 -5.887 13.456 31.664 -4.092 -2.095 2.741 23.166 
10.136  34.825 5  AA_DT6DG7:DC18DA19_BB   A 6  ? B 19 ? A 7  ? B 18 ? 
1 A DG 7  1_555 B DC 6  1_555 A DT 8  1_555 B DA 5  1_555 -0.671 -1.265 3.513 0.251  2.739  33.600 -2.652 1.200  3.398 4.728  
-0.433  33.709 6  AA_DG7DT8:DA17DC18_BB   A 7  ? B 18 ? A 8  ? B 17 ? 
1 A DT 8  1_555 B DA 5  1_555 A DT 9  1_555 B DA 4  1_555 0.440  -0.459 3.275 1.791  3.368  34.858 -1.267 -0.462 3.235 5.602  
-2.978  35.059 7  AA_DT8DT9:DA16DA17_BB   A 8  ? B 17 ? A 9  ? B 16 ? 
1 A DT 9  1_555 B DA 4  1_555 A DT 10 1_555 B DA 3  1_555 0.303  -0.467 3.379 1.758  2.772  33.477 -1.273 -0.228 3.342 4.797  
-3.043  33.633 8  AA_DT9DT10:DA15DA16_BB  A 9  ? B 16 ? A 10 ? B 15 ? 
1 A DT 10 1_555 B DA 3  1_555 A DG 11 1_555 B DC 2  1_555 0.260  -0.447 3.596 1.412  12.348 36.517 -2.335 -0.205 3.287 19.040 
-2.177  38.505 9  AA_DT10DG11:DC14DA15_BB A 10 ? B 15 ? A 11 ? B 14 ? 
1 A DG 11 1_555 B DC 2  1_555 A DT 12 1_555 B DA 1  1_555 0.304  -0.904 3.251 -6.161 0.011  29.523 -1.741 -1.823 3.125 0.021  
11.926  30.145 10 AA_DG11DT12:DA13DC14_BB A 11 ? B 14 ? A 12 ? B 13 ? 
# 
_pdbx_nmr_spectrometer.field_strength    800 
_pdbx_nmr_spectrometer.manufacturer      Bruker 
_pdbx_nmr_spectrometer.model             AVANCE 
_pdbx_nmr_spectrometer.spectrometer_id   1 
_pdbx_nmr_spectrometer.type              'Bruker Avance' 
# 
_atom_sites.entry_id                    2LFA 
_atom_sites.fract_transf_matrix[1][1]   1.000000 
_atom_sites.fract_transf_matrix[1][2]   0.000000 
_atom_sites.fract_transf_matrix[1][3]   0.000000 
_atom_sites.fract_transf_matrix[2][1]   0.000000 
_atom_sites.fract_transf_matrix[2][2]   1.000000 
_atom_sites.fract_transf_matrix[2][3]   0.000000 
_atom_sites.fract_transf_matrix[3][1]   0.000000 
_atom_sites.fract_transf_matrix[3][2]   0.000000 
_atom_sites.fract_transf_matrix[3][3]   1.000000 
_atom_sites.fract_transf_vector[1]      0.00000 
_atom_sites.fract_transf_vector[2]      0.00000 
_atom_sites.fract_transf_vector[3]      0.00000 
# 
loop_
_atom_type.symbol 
C 
H 
N 
O 
P 
# 
loop_
_atom_site.group_PDB 
_atom_site.id 
_atom_site.type_symbol 
_atom_site.label_atom_id 
_atom_site.label_alt_id 
_atom_site.label_comp_id 
_atom_site.label_asym_id 
_atom_site.label_entity_id 
_atom_site.label_seq_id 
_atom_site.pdbx_PDB_ins_code 
_atom_site.Cartn_x 
_atom_site.Cartn_y 
_atom_site.Cartn_z 
_atom_site.occupancy 
_atom_site.B_iso_or_equiv 
_atom_site.pdbx_formal_charge 
_atom_site.auth_seq_id 
_atom_site.auth_comp_id 
_atom_site.auth_asym_id 
_atom_site.auth_atom_id 
_atom_site.pdbx_PDB_model_num 
ATOM   1   O "O5'"  . DG  A 1 1  ? 19.454  -1.566  -7.991  1.00 0.00 ? 1  DG  A "O5'"  1 
ATOM   2   C "C5'"  . DG  A 1 1  ? 18.390  -1.753  -7.067  1.00 0.00 ? 1  DG  A "C5'"  1 
ATOM   3   C "C4'"  . DG  A 1 1  ? 18.486  -0.781  -5.881  1.00 0.00 ? 1  DG  A "C4'"  1 
ATOM   4   O "O4'"  . DG  A 1 1  ? 18.131  0.538   -6.283  1.00 0.00 ? 1  DG  A "O4'"  1 
ATOM   5   C "C3'"  . DG  A 1 1  ? 17.513  -1.193  -4.778  1.00 0.00 ? 1  DG  A "C3'"  1 
ATOM   6   O "O3'"  . DG  A 1 1  ? 18.144  -0.985  -3.531  1.00 0.00 ? 1  DG  A "O3'"  1 
ATOM   7   C "C2'"  . DG  A 1 1  ? 16.299  -0.295  -5.011  1.00 0.00 ? 1  DG  A "C2'"  1 
ATOM   8   C "C1'"  . DG  A 1 1  ? 16.902  0.936   -5.685  1.00 0.00 ? 1  DG  A "C1'"  1 
ATOM   9   N N9     . DG  A 1 1  ? 16.036  1.501   -6.746  1.00 0.00 ? 1  DG  A N9     1 
ATOM   10  C C8     . DG  A 1 1  ? 15.669  0.920   -7.933  1.00 0.00 ? 1  DG  A C8     1 
ATOM   11  N N7     . DG  A 1 1  ? 15.071  1.719   -8.770  1.00 0.00 ? 1  DG  A N7     1 
ATOM   12  C C5     . DG  A 1 1  ? 14.998  2.932   -8.064  1.00 0.00 ? 1  DG  A C5     1 
ATOM   13  C C6     . DG  A 1 1  ? 14.495  4.232   -8.433  1.00 0.00 ? 1  DG  A C6     1 
ATOM   14  O O6     . DG  A 1 1  ? 13.996  4.615   -9.493  1.00 0.00 ? 1  DG  A O6     1 
ATOM   15  N N1     . DG  A 1 1  ? 14.665  5.177   -7.444  1.00 0.00 ? 1  DG  A N1     1 
ATOM   16  C C2     . DG  A 1 1  ? 15.193  4.923   -6.228  1.00 0.00 ? 1  DG  A C2     1 
ATOM   17  N N2     . DG  A 1 1  ? 15.248  5.915   -5.388  1.00 0.00 ? 1  DG  A N2     1 
ATOM   18  N N3     . DG  A 1 1  ? 15.688  3.752   -5.846  1.00 0.00 ? 1  DG  A N3     1 
ATOM   19  C C4     . DG  A 1 1  ? 15.567  2.791   -6.812  1.00 0.00 ? 1  DG  A C4     1 
ATOM   20  H "H5'"  . DG  A 1 1  ? 18.434  -2.773  -6.682  1.00 0.00 ? 1  DG  A "H5'"  1 
ATOM   21  H "H5''" . DG  A 1 1  ? 17.430  -1.611  -7.562  1.00 0.00 ? 1  DG  A "H5''" 1 
ATOM   22  H "H4'"  . DG  A 1 1  ? 19.503  -0.794  -5.485  1.00 0.00 ? 1  DG  A "H4'"  1 
ATOM   23  H "H3'"  . DG  A 1 1  ? 17.236  -2.246  -4.872  1.00 0.00 ? 1  DG  A "H3'"  1 
ATOM   24  H "H2'"  . DG  A 1 1  ? 15.592  -0.801  -5.668  1.00 0.00 ? 1  DG  A "H2'"  1 
ATOM   25  H "H2''" . DG  A 1 1  ? 15.809  -0.025  -4.077  1.00 0.00 ? 1  DG  A "H2''" 1 
ATOM   26  H "H1'"  . DG  A 1 1  ? 17.090  1.695   -4.919  1.00 0.00 ? 1  DG  A "H1'"  1 
ATOM   27  H H8     . DG  A 1 1  ? 15.908  -0.102  -8.169  1.00 0.00 ? 1  DG  A H8     1 
ATOM   28  H H1     . DG  A 1 1  ? 14.300  6.094   -7.633  1.00 0.00 ? 1  DG  A H1     1 
ATOM   29  H H21    . DG  A 1 1  ? 15.388  5.688   -4.422  1.00 0.00 ? 1  DG  A H21    1 
ATOM   30  H H22    . DG  A 1 1  ? 14.948  6.841   -5.676  1.00 0.00 ? 1  DG  A H22    1 
ATOM   31  H "HO5'" . DG  A 1 1  ? 19.269  -2.055  -8.796  1.00 0.00 ? 1  DG  A "HO5'" 1 
ATOM   32  P P      . DT  A 1 2  ? 17.538  -1.601  -2.177  1.00 0.00 ? 2  DT  A P      1 
ATOM   33  O OP1    . DT  A 1 2  ? 18.661  -1.766  -1.233  1.00 0.00 ? 2  DT  A OP1    1 
ATOM   34  O OP2    . DT  A 1 2  ? 16.708  -2.763  -2.561  1.00 0.00 ? 2  DT  A OP2    1 
ATOM   35  O "O5'"  . DT  A 1 2  ? 16.596  -0.393  -1.693  1.00 0.00 ? 2  DT  A "O5'"  1 
ATOM   36  C "C5'"  . DT  A 1 2  ? 17.179  0.801   -1.193  1.00 0.00 ? 2  DT  A "C5'"  1 
ATOM   37  C "C4'"  . DT  A 1 2  ? 16.181  1.946   -0.975  1.00 0.00 ? 2  DT  A "C4'"  1 
ATOM   38  O "O4'"  . DT  A 1 2  ? 15.582  2.353   -2.197  1.00 0.00 ? 2  DT  A "O4'"  1 
ATOM   39  C "C3'"  . DT  A 1 2  ? 15.062  1.659   0.035   1.00 0.00 ? 2  DT  A "C3'"  1 
ATOM   40  O "O3'"  . DT  A 1 2  ? 15.172  2.633   1.063   1.00 0.00 ? 2  DT  A "O3'"  1 
ATOM   41  C "C2'"  . DT  A 1 2  ? 13.793  1.842   -0.800  1.00 0.00 ? 2  DT  A "C2'"  1 
ATOM   42  C "C1'"  . DT  A 1 2  ? 14.272  2.801   -1.892  1.00 0.00 ? 2  DT  A "C1'"  1 
ATOM   43  N N1     . DT  A 1 2  ? 13.452  2.813   -3.135  1.00 0.00 ? 2  DT  A N1     1 
ATOM   44  C C2     . DT  A 1 2  ? 13.037  4.052   -3.645  1.00 0.00 ? 2  DT  A C2     1 
ATOM   45  O O2     . DT  A 1 2  ? 13.294  5.130   -3.112  1.00 0.00 ? 2  DT  A O2     1 
ATOM   46  N N3     . DT  A 1 2  ? 12.379  4.038   -4.855  1.00 0.00 ? 2  DT  A N3     1 
ATOM   47  C C4     . DT  A 1 2  ? 12.206  2.933   -5.655  1.00 0.00 ? 2  DT  A C4     1 
ATOM   48  O O4     . DT  A 1 2  ? 11.773  3.089   -6.791  1.00 0.00 ? 2  DT  A O4     1 
ATOM   49  C C5     . DT  A 1 2  ? 12.636  1.669   -5.060  1.00 0.00 ? 2  DT  A C5     1 
ATOM   50  C C7     . DT  A 1 2  ? 12.451  0.372   -5.826  1.00 0.00 ? 2  DT  A C7     1 
ATOM   51  C C6     . DT  A 1 2  ? 13.228  1.645   -3.837  1.00 0.00 ? 2  DT  A C6     1 
ATOM   52  H "H5'"  . DT  A 1 2  ? 17.937  1.147   -1.896  1.00 0.00 ? 2  DT  A "H5'"  1 
ATOM   53  H "H5''" . DT  A 1 2  ? 17.670  0.580   -0.244  1.00 0.00 ? 2  DT  A "H5''" 1 
ATOM   54  H "H4'"  . DT  A 1 2  ? 16.748  2.793   -0.588  1.00 0.00 ? 2  DT  A "H4'"  1 
ATOM   55  H "H3'"  . DT  A 1 2  ? 15.138  0.645   0.436   1.00 0.00 ? 2  DT  A "H3'"  1 
ATOM   56  H "H2'"  . DT  A 1 2  ? 13.495  0.878   -1.209  1.00 0.00 ? 2  DT  A "H2'"  1 
ATOM   57  H "H2''" . DT  A 1 2  ? 12.978  2.275   -0.224  1.00 0.00 ? 2  DT  A "H2''" 1 
ATOM   58  H "H1'"  . DT  A 1 2  ? 14.320  3.805   -1.458  1.00 0.00 ? 2  DT  A "H1'"  1 
ATOM   59  H H3     . DT  A 1 2  ? 12.022  4.916   -5.205  1.00 0.00 ? 2  DT  A H3     1 
ATOM   60  H H71    . DT  A 1 2  ? 12.933  0.461   -6.798  1.00 0.00 ? 2  DT  A H71    1 
ATOM   61  H H72    . DT  A 1 2  ? 12.865  -0.476  -5.281  1.00 0.00 ? 2  DT  A H72    1 
ATOM   62  H H73    . DT  A 1 2  ? 11.382  0.215   -5.991  1.00 0.00 ? 2  DT  A H73    1 
ATOM   63  H H6     . DT  A 1 2  ? 13.562  0.710   -3.413  1.00 0.00 ? 2  DT  A H6     1 
ATOM   64  P P      . DG  A 1 3  ? 14.428  2.478   2.483   1.00 0.00 ? 3  DG  A P      1 
ATOM   65  O OP1    . DG  A 1 3  ? 15.137  3.354   3.442   1.00 0.00 ? 3  DG  A OP1    1 
ATOM   66  O OP2    . DG  A 1 3  ? 14.280  1.039   2.766   1.00 0.00 ? 3  DG  A OP2    1 
ATOM   67  O "O5'"  . DG  A 1 3  ? 12.986  3.113   2.168   1.00 0.00 ? 3  DG  A "O5'"  1 
ATOM   68  C "C5'"  . DG  A 1 3  ? 12.835  4.521   2.110   1.00 0.00 ? 3  DG  A "C5'"  1 
ATOM   69  C "C4'"  . DG  A 1 3  ? 11.485  4.986   1.554   1.00 0.00 ? 3  DG  A "C4'"  1 
ATOM   70  O "O4'"  . DG  A 1 3  ? 11.331  4.687   0.177   1.00 0.00 ? 3  DG  A "O4'"  1 
ATOM   71  C "C3'"  . DG  A 1 3  ? 10.238  4.480   2.291   1.00 0.00 ? 3  DG  A "C3'"  1 
ATOM   72  O "O3'"  . DG  A 1 3  ? 9.682   5.619   2.935   1.00 0.00 ? 3  DG  A "O3'"  1 
ATOM   73  C "C2'"  . DG  A 1 3  ? 9.367   3.932   1.153   1.00 0.00 ? 3  DG  A "C2'"  1 
ATOM   74  C "C1'"  . DG  A 1 3  ? 9.938   4.638   -0.078  1.00 0.00 ? 3  DG  A "C1'"  1 
ATOM   75  N N9     . DG  A 1 3  ? 9.699   3.952   -1.369  1.00 0.00 ? 3  DG  A N9     1 
ATOM   76  C C8     . DG  A 1 3  ? 10.046  2.675   -1.734  1.00 0.00 ? 3  DG  A C8     1 
ATOM   77  N N7     . DG  A 1 3  ? 9.815   2.387   -2.987  1.00 0.00 ? 3  DG  A N7     1 
ATOM   78  C C5     . DG  A 1 3  ? 9.238   3.567   -3.494  1.00 0.00 ? 3  DG  A C5     1 
ATOM   79  C C6     . DG  A 1 3  ? 8.773   3.929   -4.811  1.00 0.00 ? 3  DG  A C6     1 
ATOM   80  O O6     . DG  A 1 3  ? 8.778   3.277   -5.853  1.00 0.00 ? 3  DG  A O6     1 
ATOM   81  N N1     . DG  A 1 3  ? 8.284   5.217   -4.889  1.00 0.00 ? 3  DG  A N1     1 
ATOM   82  C C2     . DG  A 1 3  ? 8.260   6.080   -3.849  1.00 0.00 ? 3  DG  A C2     1 
ATOM   83  N N2     . DG  A 1 3  ? 7.823   7.287   -4.077  1.00 0.00 ? 3  DG  A N2     1 
ATOM   84  N N3     . DG  A 1 3  ? 8.702   5.806   -2.625  1.00 0.00 ? 3  DG  A N3     1 
ATOM   85  C C4     . DG  A 1 3  ? 9.169   4.526   -2.503  1.00 0.00 ? 3  DG  A C4     1 
ATOM   86  H "H5'"  . DG  A 1 3  ? 13.621  4.936   1.478   1.00 0.00 ? 3  DG  A "H5'"  1 
ATOM   87  H "H5''" . DG  A 1 3  ? 12.954  4.917   3.119   1.00 0.00 ? 3  DG  A "H5''" 1 
ATOM   88  H "H4'"  . DG  A 1 3  ? 11.477  6.072   1.644   1.00 0.00 ? 3  DG  A "H4'"  1 
ATOM   89  H "H3'"  . DG  A 1 3  ? 10.481  3.696   3.013   1.00 0.00 ? 3  DG  A "H3'"  1 
ATOM   90  H "H2'"  . DG  A 1 3  ? 9.509   2.853   1.081   1.00 0.00 ? 3  DG  A "H2'"  1 
ATOM   91  H "H2''" . DG  A 1 3  ? 8.315   4.167   1.297   1.00 0.00 ? 3  DG  A "H2''" 1 
ATOM   92  H "H1'"  . DG  A 1 3  ? 9.519   5.649   -0.125  1.00 0.00 ? 3  DG  A "H1'"  1 
ATOM   93  H H8     . DG  A 1 3  ? 10.502  1.985   -1.039  1.00 0.00 ? 3  DG  A H8     1 
ATOM   94  H H1     . DG  A 1 3  ? 7.883   5.507   -5.765  1.00 0.00 ? 3  DG  A H1     1 
ATOM   95  H H21    . DG  A 1 3  ? 7.694   7.863   -3.272  1.00 0.00 ? 3  DG  A H21    1 
ATOM   96  H H22    . DG  A 1 3  ? 7.404   7.525   -4.975  1.00 0.00 ? 3  DG  A H22    1 
ATOM   97  P P      . DC  A 1 4  ? 8.459   5.547   3.971   1.00 0.00 ? 4  DC  A P      1 
ATOM   98  O OP1    . DC  A 1 4  ? 8.660   6.631   4.961   1.00 0.00 ? 4  DC  A OP1    1 
ATOM   99  O OP2    . DC  A 1 4  ? 8.301   4.150   4.417   1.00 0.00 ? 4  DC  A OP2    1 
ATOM   100 O "O5'"  . DC  A 1 4  ? 7.231   5.948   3.007   1.00 0.00 ? 4  DC  A "O5'"  1 
ATOM   101 C "C5'"  . DC  A 1 4  ? 7.138   7.283   2.531   1.00 0.00 ? 4  DC  A "C5'"  1 
ATOM   102 C "C4'"  . DC  A 1 4  ? 6.161   7.512   1.371   1.00 0.00 ? 4  DC  A "C4'"  1 
ATOM   103 O "O4'"  . DC  A 1 4  ? 6.460   6.647   0.283   1.00 0.00 ? 4  DC  A "O4'"  1 
ATOM   104 C "C3'"  . DC  A 1 4  ? 4.670   7.365   1.697   1.00 0.00 ? 4  DC  A "C3'"  1 
ATOM   105 O "O3'"  . DC  A 1 4  ? 4.020   8.489   1.114   1.00 0.00 ? 4  DC  A "O3'"  1 
ATOM   106 C "C2'"  . DC  A 1 4  ? 4.310   6.063   0.989   1.00 0.00 ? 4  DC  A "C2'"  1 
ATOM   107 C "C1'"  . DC  A 1 4  ? 5.229   6.167   -0.229  1.00 0.00 ? 4  DC  A "C1'"  1 
ATOM   108 N N1     . DC  A 1 4  ? 5.454   4.909   -0.985  1.00 0.00 ? 4  DC  A N1     1 
ATOM   109 C C2     . DC  A 1 4  ? 5.375   4.950   -2.383  1.00 0.00 ? 4  DC  A C2     1 
ATOM   110 O O2     . DC  A 1 4  ? 5.101   5.979   -2.997  1.00 0.00 ? 4  DC  A O2     1 
ATOM   111 N N3     . DC  A 1 4  ? 5.642   3.847   -3.118  1.00 0.00 ? 4  DC  A N3     1 
ATOM   112 C C4     . DC  A 1 4  ? 5.957   2.738   -2.499  1.00 0.00 ? 4  DC  A C4     1 
ATOM   113 N N4     . DC  A 1 4  ? 6.232   1.735   -3.282  1.00 0.00 ? 4  DC  A N4     1 
ATOM   114 C C5     . DC  A 1 4  ? 6.112   2.637   -1.088  1.00 0.00 ? 4  DC  A C5     1 
ATOM   115 C C6     . DC  A 1 4  ? 5.840   3.750   -0.357  1.00 0.00 ? 4  DC  A C6     1 
ATOM   116 H "H5'"  . DC  A 1 4  ? 8.124   7.592   2.185   1.00 0.00 ? 4  DC  A "H5'"  1 
ATOM   117 H "H5''" . DC  A 1 4  ? 6.855   7.928   3.363   1.00 0.00 ? 4  DC  A "H5''" 1 
ATOM   118 H "H4'"  . DC  A 1 4  ? 6.309   8.538   1.033   1.00 0.00 ? 4  DC  A "H4'"  1 
ATOM   119 H "H3'"  . DC  A 1 4  ? 4.492   7.313   2.772   1.00 0.00 ? 4  DC  A "H3'"  1 
ATOM   120 H "H2'"  . DC  A 1 4  ? 4.569   5.221   1.627   1.00 0.00 ? 4  DC  A "H2'"  1 
ATOM   121 H "H2''" . DC  A 1 4  ? 3.259   6.023   0.709   1.00 0.00 ? 4  DC  A "H2''" 1 
ATOM   122 H "H1'"  . DC  A 1 4  ? 4.793   6.924   -0.890  1.00 0.00 ? 4  DC  A "H1'"  1 
ATOM   123 H H41    . DC  A 1 4  ? 6.596   0.888   -2.911  1.00 0.00 ? 4  DC  A H41    1 
ATOM   124 H H42    . DC  A 1 4  ? 6.100   1.898   -4.280  1.00 0.00 ? 4  DC  A H42    1 
ATOM   125 H H5     . DC  A 1 4  ? 6.430   1.733   -0.601  1.00 0.00 ? 4  DC  A H5     1 
ATOM   126 H H6     . DC  A 1 4  ? 5.948   3.749   0.721   1.00 0.00 ? 4  DC  A H6     1 
HETATM 127 P P      . 2LF A 1 5  ? 2.507   8.911   1.453   1.00 0.00 ? 5  2LF A P      1 
HETATM 128 N N1     . 2LF A 1 5  ? 1.158   3.757   -4.745  1.00 0.00 ? 5  2LF A N1     1 
HETATM 129 C C2     . 2LF A 1 5  ? 0.428   4.695   -5.367  1.00 0.00 ? 5  2LF A C2     1 
HETATM 130 N N2     . 2LF A 1 5  ? -0.152  4.345   -6.473  1.00 0.00 ? 5  2LF A N2     1 
HETATM 131 N N3     . 2LF A 1 5  ? 0.229   5.925   -4.932  1.00 0.00 ? 5  2LF A N3     1 
HETATM 132 C C4     . 2LF A 1 5  ? 0.860   6.147   -3.756  1.00 0.00 ? 5  2LF A C4     1 
HETATM 133 C C5     . 2LF A 1 5  ? 1.630   5.282   -3.014  1.00 0.00 ? 5  2LF A C5     1 
HETATM 134 C C6     . 2LF A 1 5  ? 1.820   3.962   -3.558  1.00 0.00 ? 5  2LF A C6     1 
HETATM 135 O O6     . 2LF A 1 5  ? 2.484   3.016   -3.137  1.00 0.00 ? 5  2LF A O6     1 
HETATM 136 N N7     . 2LF A 1 5  ? 2.075   5.929   -1.838  1.00 0.00 ? 5  2LF A N7     1 
HETATM 137 C C8     . 2LF A 1 5  ? 1.534   7.119   -1.929  1.00 0.00 ? 5  2LF A C8     1 
HETATM 138 N N9     . 2LF A 1 5  ? 0.853   7.326   -3.083  1.00 0.00 ? 5  2LF A N9     1 
HETATM 139 C "C1'"  . 2LF A 1 5  ? 0.132   8.554   -3.418  1.00 0.00 ? 5  2LF A "C1'"  1 
HETATM 140 C "C2'"  . 2LF A 1 5  ? -1.194  8.541   -2.692  1.00 0.00 ? 5  2LF A "C2'"  1 
HETATM 141 O OP2    . 2LF A 1 5  ? 2.220   8.476   2.836   1.00 0.00 ? 5  2LF A OP2    1 
HETATM 142 C "C3'"  . 2LF A 1 5  ? -0.856  8.986   -1.260  1.00 0.00 ? 5  2LF A "C3'"  1 
HETATM 143 O "O3'"  . 2LF A 1 5  ? -1.717  10.068  -0.951  1.00 0.00 ? 5  2LF A "O3'"  1 
HETATM 144 C "C4'"  . 2LF A 1 5  ? 0.629   9.414   -1.390  1.00 0.00 ? 5  2LF A "C4'"  1 
HETATM 145 O "O4'"  . 2LF A 1 5  ? 0.807   9.635   -2.794  1.00 0.00 ? 5  2LF A "O4'"  1 
HETATM 146 C "C5'"  . 2LF A 1 5  ? 1.679   8.327   -0.992  1.00 0.00 ? 5  2LF A "C5'"  1 
HETATM 147 O "O5'"  . 2LF A 1 5  ? 1.636   8.036   0.402   1.00 0.00 ? 5  2LF A "O5'"  1 
HETATM 148 H HN1    . 2LF A 1 5  ? 1.220   2.845   -5.171  1.00 0.00 ? 5  2LF A HN1    1 
HETATM 149 H "H1'"  . 2LF A 1 5  ? 0.024   8.680   -4.496  1.00 0.00 ? 5  2LF A "H1'"  1 
HETATM 150 H "H2'"  . 2LF A 1 5  ? -1.849  9.254   -3.184  1.00 0.00 ? 5  2LF A "H2'"  1 
HETATM 151 H "H'2'" . 2LF A 1 5  ? -1.642  7.553   -2.714  1.00 0.00 ? 5  2LF A "H'2'" 1 
HETATM 152 H HN2    . 2LF A 1 5  ? -0.016  3.415   -6.857  1.00 0.00 ? 5  2LF A HN2    1 
HETATM 153 H HN2A   . 2LF A 1 5  ? -0.698  5.034   -6.946  1.00 0.00 ? 5  2LF A HN2A   1 
HETATM 154 H "H3'"  . 2LF A 1 5  ? -0.953  8.170   -0.539  1.00 0.00 ? 5  2LF A "H3'"  1 
HETATM 155 H "H4'"  . 2LF A 1 5  ? 0.803   10.322  -0.815  1.00 0.00 ? 5  2LF A "H4'"  1 
HETATM 156 H "H5'"  . 2LF A 1 5  ? 2.665   8.741   -1.207  1.00 0.00 ? 5  2LF A "H5'"  1 
HETATM 157 O OP1    . 2LF A 1 5  ? 2.382   10.340  1.095   1.00 0.00 ? 5  2LF A OP1    1 
ATOM   158 P P      . DT  A 1 6  ? -3.159  9.795   -0.298  1.00 0.00 ? 6  DT  A P      1 
ATOM   159 O OP1    . DT  A 1 6  ? -3.874  11.090  -0.224  1.00 0.00 ? 6  DT  A OP1    1 
ATOM   160 O OP2    . DT  A 1 6  ? -2.969  8.996   0.926   1.00 0.00 ? 6  DT  A OP2    1 
ATOM   161 O "O5'"  . DT  A 1 6  ? -3.960  8.862   -1.350  1.00 0.00 ? 6  DT  A "O5'"  1 
ATOM   162 C "C5'"  . DT  A 1 6  ? -4.596  9.399   -2.502  1.00 0.00 ? 6  DT  A "C5'"  1 
ATOM   163 C "C4'"  . DT  A 1 6  ? -5.162  8.319   -3.445  1.00 0.00 ? 6  DT  A "C4'"  1 
ATOM   164 O "O4'"  . DT  A 1 6  ? -4.162  7.357   -3.761  1.00 0.00 ? 6  DT  A "O4'"  1 
ATOM   165 C "C3'"  . DT  A 1 6  ? -6.389  7.575   -2.906  1.00 0.00 ? 6  DT  A "C3'"  1 
ATOM   166 O "O3'"  . DT  A 1 6  ? -7.327  7.452   -3.971  1.00 0.00 ? 6  DT  A "O3'"  1 
ATOM   167 C "C2'"  . DT  A 1 6  ? -5.790  6.243   -2.473  1.00 0.00 ? 6  DT  A "C2'"  1 
ATOM   168 C "C1'"  . DT  A 1 6  ? -4.641  6.053   -3.471  1.00 0.00 ? 6  DT  A "C1'"  1 
ATOM   169 N N1     . DT  A 1 6  ? -3.522  5.205   -2.963  1.00 0.00 ? 6  DT  A N1     1 
ATOM   170 C C2     . DT  A 1 6  ? -3.094  4.119   -3.746  1.00 0.00 ? 6  DT  A C2     1 
ATOM   171 O O2     . DT  A 1 6  ? -3.593  3.826   -4.830  1.00 0.00 ? 6  DT  A O2     1 
ATOM   172 N N3     . DT  A 1 6  ? -2.073  3.346   -3.237  1.00 0.00 ? 6  DT  A N3     1 
ATOM   173 C C4     . DT  A 1 6  ? -1.434  3.558   -2.038  1.00 0.00 ? 6  DT  A C4     1 
ATOM   174 O O4     . DT  A 1 6  ? -0.534  2.792   -1.709  1.00 0.00 ? 6  DT  A O4     1 
ATOM   175 C C5     . DT  A 1 6  ? -1.894  4.724   -1.286  1.00 0.00 ? 6  DT  A C5     1 
ATOM   176 C C7     . DT  A 1 6  ? -1.234  5.086   0.031   1.00 0.00 ? 6  DT  A C7     1 
ATOM   177 C C6     . DT  A 1 6  ? -2.909  5.496   -1.760  1.00 0.00 ? 6  DT  A C6     1 
ATOM   178 H "H5'"  . DT  A 1 6  ? -3.888  10.008  -3.062  1.00 0.00 ? 6  DT  A "H5'"  1 
ATOM   179 H "H5''" . DT  A 1 6  ? -5.408  10.052  -2.178  1.00 0.00 ? 6  DT  A "H5''" 1 
ATOM   180 H "H4'"  . DT  A 1 6  ? -5.463  8.815   -4.366  1.00 0.00 ? 6  DT  A "H4'"  1 
ATOM   181 H "H3'"  . DT  A 1 6  ? -6.837  8.103   -2.061  1.00 0.00 ? 6  DT  A "H3'"  1 
ATOM   182 H "H2'"  . DT  A 1 6  ? -5.428  6.338   -1.452  1.00 0.00 ? 6  DT  A "H2'"  1 
ATOM   183 H "H2''" . DT  A 1 6  ? -6.513  5.433   -2.537  1.00 0.00 ? 6  DT  A "H2''" 1 
ATOM   184 H "H1'"  . DT  A 1 6  ? -5.057  5.618   -4.386  1.00 0.00 ? 6  DT  A "H1'"  1 
ATOM   185 H H3     . DT  A 1 6  ? -1.779  2.544   -3.774  1.00 0.00 ? 6  DT  A H3     1 
ATOM   186 H H71    . DT  A 1 6  ? -1.676  5.981   0.471   1.00 0.00 ? 6  DT  A H71    1 
ATOM   187 H H72    . DT  A 1 6  ? -1.344  4.249   0.721   1.00 0.00 ? 6  DT  A H72    1 
ATOM   188 H H73    . DT  A 1 6  ? -0.167  5.250   -0.132  1.00 0.00 ? 6  DT  A H73    1 
ATOM   189 H H6     . DT  A 1 6  ? -3.217  6.375   -1.205  1.00 0.00 ? 6  DT  A H6     1 
ATOM   190 P P      . DG  A 1 7  ? -8.822  6.902   -3.755  1.00 0.00 ? 7  DG  A P      1 
ATOM   191 O OP1    . DG  A 1 7  ? -9.644  7.379   -4.890  1.00 0.00 ? 7  DG  A OP1    1 
ATOM   192 O OP2    . DG  A 1 7  ? -9.235  7.225   -2.373  1.00 0.00 ? 7  DG  A OP2    1 
ATOM   193 O "O5'"  . DG  A 1 7  ? -8.632  5.308   -3.891  1.00 0.00 ? 7  DG  A "O5'"  1 
ATOM   194 C "C5'"  . DG  A 1 7  ? -8.307  4.723   -5.145  1.00 0.00 ? 7  DG  A "C5'"  1 
ATOM   195 C "C4'"  . DG  A 1 7  ? -7.981  3.223   -5.065  1.00 0.00 ? 7  DG  A "C4'"  1 
ATOM   196 O "O4'"  . DG  A 1 7  ? -6.740  3.011   -4.409  1.00 0.00 ? 7  DG  A "O4'"  1 
ATOM   197 C "C3'"  . DG  A 1 7  ? -9.036  2.347   -4.366  1.00 0.00 ? 7  DG  A "C3'"  1 
ATOM   198 O "O3'"  . DG  A 1 7  ? -9.625  1.456   -5.312  1.00 0.00 ? 7  DG  A "O3'"  1 
ATOM   199 C "C2'"  . DG  A 1 7  ? -8.201  1.606   -3.317  1.00 0.00 ? 7  DG  A "C2'"  1 
ATOM   200 C "C1'"  . DG  A 1 7  ? -6.774  1.715   -3.849  1.00 0.00 ? 7  DG  A "C1'"  1 
ATOM   201 N N9     . DG  A 1 7  ? -5.743  1.587   -2.797  1.00 0.00 ? 7  DG  A N9     1 
ATOM   202 C C8     . DG  A 1 7  ? -5.409  2.499   -1.831  1.00 0.00 ? 7  DG  A C8     1 
ATOM   203 N N7     . DG  A 1 7  ? -4.443  2.122   -1.042  1.00 0.00 ? 7  DG  A N7     1 
ATOM   204 C C5     . DG  A 1 7  ? -4.100  0.848   -1.523  1.00 0.00 ? 7  DG  A C5     1 
ATOM   205 C C6     . DG  A 1 7  ? -3.119  -0.115  -1.089  1.00 0.00 ? 7  DG  A C6     1 
ATOM   206 O O6     . DG  A 1 7  ? -2.295  -0.044  -0.177  1.00 0.00 ? 7  DG  A O6     1 
ATOM   207 N N1     . DG  A 1 7  ? -3.147  -1.288  -1.814  1.00 0.00 ? 7  DG  A N1     1 
ATOM   208 C C2     . DG  A 1 7  ? -3.981  -1.517  -2.853  1.00 0.00 ? 7  DG  A C2     1 
ATOM   209 N N2     . DG  A 1 7  ? -3.917  -2.690  -3.420  1.00 0.00 ? 7  DG  A N2     1 
ATOM   210 N N3     . DG  A 1 7  ? -4.905  -0.665  -3.290  1.00 0.00 ? 7  DG  A N3     1 
ATOM   211 C C4     . DG  A 1 7  ? -4.910  0.510   -2.590  1.00 0.00 ? 7  DG  A C4     1 
ATOM   212 H "H5'"  . DG  A 1 7  ? -7.443  5.238   -5.567  1.00 0.00 ? 7  DG  A "H5'"  1 
ATOM   213 H "H5''" . DG  A 1 7  ? -9.149  4.864   -5.821  1.00 0.00 ? 7  DG  A "H5''" 1 
ATOM   214 H "H4'"  . DG  A 1 7  ? -7.876  2.857   -6.086  1.00 0.00 ? 7  DG  A "H4'"  1 
ATOM   215 H "H3'"  . DG  A 1 7  ? -9.801  2.964   -3.888  1.00 0.00 ? 7  DG  A "H3'"  1 
ATOM   216 H "H2'"  . DG  A 1 7  ? -8.292  2.124   -2.363  1.00 0.00 ? 7  DG  A "H2'"  1 
ATOM   217 H "H2''" . DG  A 1 7  ? -8.501  0.567   -3.222  1.00 0.00 ? 7  DG  A "H2''" 1 
ATOM   218 H "H1'"  . DG  A 1 7  ? -6.607  0.959   -4.622  1.00 0.00 ? 7  DG  A "H1'"  1 
ATOM   219 H H8     . DG  A 1 7  ? -5.902  3.455   -1.751  1.00 0.00 ? 7  DG  A H8     1 
ATOM   220 H H1     . DG  A 1 7  ? -2.468  -1.993  -1.569  1.00 0.00 ? 7  DG  A H1     1 
ATOM   221 H H21    . DG  A 1 7  ? -4.554  -2.865  -4.172  1.00 0.00 ? 7  DG  A H21    1 
ATOM   222 H H22    . DG  A 1 7  ? -3.260  -3.394  -3.087  1.00 0.00 ? 7  DG  A H22    1 
ATOM   223 P P      . DT  A 1 8  ? -10.893 0.512   -4.966  1.00 0.00 ? 8  DT  A P      1 
ATOM   224 O OP1    . DT  A 1 8  ? -11.644 0.285   -6.221  1.00 0.00 ? 8  DT  A OP1    1 
ATOM   225 O OP2    . DT  A 1 8  ? -11.595 1.067   -3.789  1.00 0.00 ? 8  DT  A OP2    1 
ATOM   226 O "O5'"  . DT  A 1 8  ? -10.199 -0.879  -4.537  1.00 0.00 ? 8  DT  A "O5'"  1 
ATOM   227 C "C5'"  . DT  A 1 8  ? -9.519  -1.675  -5.500  1.00 0.00 ? 8  DT  A "C5'"  1 
ATOM   228 C "C4'"  . DT  A 1 8  ? -8.925  -2.971  -4.924  1.00 0.00 ? 8  DT  A "C4'"  1 
ATOM   229 O "O4'"  . DT  A 1 8  ? -7.832  -2.673  -4.066  1.00 0.00 ? 8  DT  A "O4'"  1 
ATOM   230 C "C3'"  . DT  A 1 8  ? -9.927  -3.849  -4.155  1.00 0.00 ? 8  DT  A "C3'"  1 
ATOM   231 O "O3'"  . DT  A 1 8  ? -9.981  -5.142  -4.750  1.00 0.00 ? 8  DT  A "O3'"  1 
ATOM   232 C "C2'"  . DT  A 1 8  ? -9.326  -3.881  -2.751  1.00 0.00 ? 8  DT  A "C2'"  1 
ATOM   233 C "C1'"  . DT  A 1 8  ? -7.845  -3.587  -2.985  1.00 0.00 ? 8  DT  A "C1'"  1 
ATOM   234 N N1     . DT  A 1 8  ? -7.178  -2.983  -1.798  1.00 0.00 ? 8  DT  A N1     1 
ATOM   235 C C2     . DT  A 1 8  ? -6.172  -3.710  -1.148  1.00 0.00 ? 8  DT  A C2     1 
ATOM   236 O O2     . DT  A 1 8  ? -5.843  -4.847  -1.465  1.00 0.00 ? 8  DT  A O2     1 
ATOM   237 N N3     . DT  A 1 8  ? -5.562  -3.098  -0.075  1.00 0.00 ? 8  DT  A N3     1 
ATOM   238 C C4     . DT  A 1 8  ? -5.883  -1.863  0.436   1.00 0.00 ? 8  DT  A C4     1 
ATOM   239 O O4     . DT  A 1 8  ? -5.268  -1.446  1.412   1.00 0.00 ? 8  DT  A O4     1 
ATOM   240 C C5     . DT  A 1 8  ? -6.966  -1.171  -0.262  1.00 0.00 ? 8  DT  A C5     1 
ATOM   241 C C7     . DT  A 1 8  ? -7.437  0.187   0.228   1.00 0.00 ? 8  DT  A C7     1 
ATOM   242 C C6     . DT  A 1 8  ? -7.563  -1.739  -1.344  1.00 0.00 ? 8  DT  A C6     1 
ATOM   243 H "H5'"  . DT  A 1 8  ? -8.714  -1.088  -5.942  1.00 0.00 ? 8  DT  A "H5'"  1 
ATOM   244 H "H5''" . DT  A 1 8  ? -10.222 -1.942  -6.292  1.00 0.00 ? 8  DT  A "H5''" 1 
ATOM   245 H "H4'"  . DT  A 1 8  ? -8.540  -3.560  -5.757  1.00 0.00 ? 8  DT  A "H4'"  1 
ATOM   246 H "H3'"  . DT  A 1 8  ? -10.917 -3.388  -4.145  1.00 0.00 ? 8  DT  A "H3'"  1 
ATOM   247 H "H2'"  . DT  A 1 8  ? -9.790  -3.099  -2.155  1.00 0.00 ? 8  DT  A "H2'"  1 
ATOM   248 H "H2''" . DT  A 1 8  ? -9.456  -4.848  -2.272  1.00 0.00 ? 8  DT  A "H2''" 1 
ATOM   249 H "H1'"  . DT  A 1 8  ? -7.341  -4.514  -3.280  1.00 0.00 ? 8  DT  A "H1'"  1 
ATOM   250 H H3     . DT  A 1 8  ? -4.800  -3.596  0.369   1.00 0.00 ? 8  DT  A H3     1 
ATOM   251 H H71    . DT  A 1 8  ? -7.798  0.089   1.252   1.00 0.00 ? 8  DT  A H71    1 
ATOM   252 H H72    . DT  A 1 8  ? -6.593  0.876   0.242   1.00 0.00 ? 8  DT  A H72    1 
ATOM   253 H H73    . DT  A 1 8  ? -8.229  0.587   -0.405  1.00 0.00 ? 8  DT  A H73    1 
ATOM   254 H H6     . DT  A 1 8  ? -8.346  -1.218  -1.878  1.00 0.00 ? 8  DT  A H6     1 
ATOM   255 P P      . DT  A 1 9  ? -11.081 -6.252  -4.334  1.00 0.00 ? 9  DT  A P      1 
ATOM   256 O OP1    . DT  A 1 9  ? -11.250 -7.178  -5.476  1.00 0.00 ? 9  DT  A OP1    1 
ATOM   257 O OP2    . DT  A 1 9  ? -12.262 -5.557  -3.777  1.00 0.00 ? 9  DT  A OP2    1 
ATOM   258 O "O5'"  . DT  A 1 9  ? -10.354 -7.043  -3.137  1.00 0.00 ? 9  DT  A "O5'"  1 
ATOM   259 C "C5'"  . DT  A 1 9  ? -9.220  -7.862  -3.387  1.00 0.00 ? 9  DT  A "C5'"  1 
ATOM   260 C "C4'"  . DT  A 1 9  ? -8.532  -8.341  -2.100  1.00 0.00 ? 9  DT  A "C4'"  1 
ATOM   261 O "O4'"  . DT  A 1 9  ? -7.998  -7.229  -1.401  1.00 0.00 ? 9  DT  A "O4'"  1 
ATOM   262 C "C3'"  . DT  A 1 9  ? -9.423  -9.129  -1.123  1.00 0.00 ? 9  DT  A "C3'"  1 
ATOM   263 O "O3'"  . DT  A 1 9  ? -9.012  -10.493 -1.072  1.00 0.00 ? 9  DT  A "O3'"  1 
ATOM   264 C "C2'"  . DT  A 1 9  ? -9.187  -8.398  0.202   1.00 0.00 ? 9  DT  A "C2'"  1 
ATOM   265 C "C1'"  . DT  A 1 9  ? -7.917  -7.580  -0.037  1.00 0.00 ? 9  DT  A "C1'"  1 
ATOM   266 N N1     . DT  A 1 9  ? -7.847  -6.353  0.802   1.00 0.00 ? 9  DT  A N1     1 
ATOM   267 C C2     . DT  A 1 9  ? -6.829  -6.248  1.757   1.00 0.00 ? 9  DT  A C2     1 
ATOM   268 O O2     . DT  A 1 9  ? -6.003  -7.125  1.974   1.00 0.00 ? 9  DT  A O2     1 
ATOM   269 N N3     . DT  A 1 9  ? -6.806  -5.100  2.514   1.00 0.00 ? 9  DT  A N3     1 
ATOM   270 C C4     . DT  A 1 9  ? -7.712  -4.068  2.443   1.00 0.00 ? 9  DT  A C4     1 
ATOM   271 O O4     . DT  A 1 9  ? -7.602  -3.120  3.216   1.00 0.00 ? 9  DT  A O4     1 
ATOM   272 C C5     . DT  A 1 9  ? -8.751  -4.236  1.424   1.00 0.00 ? 9  DT  A C5     1 
ATOM   273 C C7     . DT  A 1 9  ? -9.812  -3.168  1.234   1.00 0.00 ? 9  DT  A C7     1 
ATOM   274 C C6     . DT  A 1 9  ? -8.785  -5.353  0.650   1.00 0.00 ? 9  DT  A C6     1 
ATOM   275 H "H5'"  . DT  A 1 9  ? -8.491  -7.294  -3.970  1.00 0.00 ? 9  DT  A "H5'"  1 
ATOM   276 H "H5''" . DT  A 1 9  ? -9.532  -8.731  -3.971  1.00 0.00 ? 9  DT  A "H5''" 1 
ATOM   277 H "H4'"  . DT  A 1 9  ? -7.700  -8.989  -2.382  1.00 0.00 ? 9  DT  A "H4'"  1 
ATOM   278 H "H3'"  . DT  A 1 9  ? -10.471 -9.057  -1.420  1.00 0.00 ? 9  DT  A "H3'"  1 
ATOM   279 H "H2'"  . DT  A 1 9  ? -10.040 -7.753  0.401   1.00 0.00 ? 9  DT  A "H2'"  1 
ATOM   280 H "H2''" . DT  A 1 9  ? -9.038  -9.084  1.031   1.00 0.00 ? 9  DT  A "H2''" 1 
ATOM   281 H "H1'"  . DT  A 1 9  ? -7.038  -8.212  0.132   1.00 0.00 ? 9  DT  A "H1'"  1 
ATOM   282 H H3     . DT  A 1 9  ? -6.046  -5.010  3.176   1.00 0.00 ? 9  DT  A H3     1 
ATOM   283 H H71    . DT  A 1 9  ? -10.351 -3.039  2.173   1.00 0.00 ? 9  DT  A H71    1 
ATOM   284 H H72    . DT  A 1 9  ? -9.332  -2.221  0.986   1.00 0.00 ? 9  DT  A H72    1 
ATOM   285 H H73    . DT  A 1 9  ? -10.511 -3.441  0.442   1.00 0.00 ? 9  DT  A H73    1 
ATOM   286 H H6     . DT  A 1 9  ? -9.544  -5.479  -0.110  1.00 0.00 ? 9  DT  A H6     1 
ATOM   287 P P      . DT  A 1 10 ? -9.813  -11.628 -0.235  1.00 0.00 ? 10 DT  A P      1 
ATOM   288 O OP1    . DT  A 1 10 ? -9.506  -12.943 -0.840  1.00 0.00 ? 10 DT  A OP1    1 
ATOM   289 O OP2    . DT  A 1 10 ? -11.223 -11.201 -0.088  1.00 0.00 ? 10 DT  A OP2    1 
ATOM   290 O "O5'"  . DT  A 1 10 ? -9.115  -11.560 1.214   1.00 0.00 ? 10 DT  A "O5'"  1 
ATOM   291 C "C5'"  . DT  A 1 10 ? -7.752  -11.934 1.386   1.00 0.00 ? 10 DT  A "C5'"  1 
ATOM   292 C "C4'"  . DT  A 1 10 ? -7.191  -11.548 2.764   1.00 0.00 ? 10 DT  A "C4'"  1 
ATOM   293 O "O4'"  . DT  A 1 10 ? -7.224  -10.137 2.916   1.00 0.00 ? 10 DT  A "O4'"  1 
ATOM   294 C "C3'"  . DT  A 1 10 ? -7.906  -12.173 3.976   1.00 0.00 ? 10 DT  A "C3'"  1 
ATOM   295 O "O3'"  . DT  A 1 10 ? -7.049  -13.078 4.671   1.00 0.00 ? 10 DT  A "O3'"  1 
ATOM   296 C "C2'"  . DT  A 1 10 ? -8.236  -10.953 4.835   1.00 0.00 ? 10 DT  A "C2'"  1 
ATOM   297 C "C1'"  . DT  A 1 10 ? -7.315  -9.859  4.297   1.00 0.00 ? 10 DT  A "C1'"  1 
ATOM   298 N N1     . DT  A 1 10 ? -7.863  -8.497  4.531   1.00 0.00 ? 10 DT  A N1     1 
ATOM   299 C C2     . DT  A 1 10 ? -7.213  -7.664  5.448   1.00 0.00 ? 10 DT  A C2     1 
ATOM   300 O O2     . DT  A 1 10 ? -6.206  -7.982  6.071   1.00 0.00 ? 10 DT  A O2     1 
ATOM   301 N N3     . DT  A 1 10 ? -7.786  -6.437  5.681   1.00 0.00 ? 10 DT  A N3     1 
ATOM   302 C C4     . DT  A 1 10 ? -8.977  -5.989  5.158   1.00 0.00 ? 10 DT  A C4     1 
ATOM   303 O O4     . DT  A 1 10 ? -9.411  -4.894  5.510   1.00 0.00 ? 10 DT  A O4     1 
ATOM   304 C C5     . DT  A 1 10 ? -9.609  -6.907  4.208   1.00 0.00 ? 10 DT  A C5     1 
ATOM   305 C C7     . DT  A 1 10 ? -10.919 -6.530  3.541   1.00 0.00 ? 10 DT  A C7     1 
ATOM   306 C C6     . DT  A 1 10 ? -9.038  -8.109  3.924   1.00 0.00 ? 10 DT  A C6     1 
ATOM   307 H "H5'"  . DT  A 1 10 ? -7.150  -11.434 0.626   1.00 0.00 ? 10 DT  A "H5'"  1 
ATOM   308 H "H5''" . DT  A 1 10 ? -7.657  -13.011 1.244   1.00 0.00 ? 10 DT  A "H5''" 1 
ATOM   309 H "H4'"  . DT  A 1 10 ? -6.147  -11.866 2.802   1.00 0.00 ? 10 DT  A "H4'"  1 
ATOM   310 H "H3'"  . DT  A 1 10 ? -8.821  -12.680 3.659   1.00 0.00 ? 10 DT  A "H3'"  1 
ATOM   311 H "H2'"  . DT  A 1 10 ? -9.285  -10.694 4.694   1.00 0.00 ? 10 DT  A "H2'"  1 
ATOM   312 H "H2''" . DT  A 1 10 ? -8.032  -11.125 5.887   1.00 0.00 ? 10 DT  A "H2''" 1 
ATOM   313 H "H1'"  . DT  A 1 10 ? -6.325  -9.961  4.756   1.00 0.00 ? 10 DT  A "H1'"  1 
ATOM   314 H H3     . DT  A 1 10 ? -7.295  -5.837  6.327   1.00 0.00 ? 10 DT  A H3     1 
ATOM   315 H H71    . DT  A 1 10 ? -11.251 -7.310  2.856   1.00 0.00 ? 10 DT  A H71    1 
ATOM   316 H H72    . DT  A 1 10 ? -11.672 -6.372  4.314   1.00 0.00 ? 10 DT  A H72    1 
ATOM   317 H H73    . DT  A 1 10 ? -10.786 -5.595  2.996   1.00 0.00 ? 10 DT  A H73    1 
ATOM   318 H H6     . DT  A 1 10 ? -9.500  -8.794  3.225   1.00 0.00 ? 10 DT  A H6     1 
ATOM   319 P P      . DG  A 1 11 ? -7.562  -13.989 5.908   1.00 0.00 ? 11 DG  A P      1 
ATOM   320 O OP1    . DG  A 1 11 ? -6.737  -15.216 5.952   1.00 0.00 ? 11 DG  A OP1    1 
ATOM   321 O OP2    . DG  A 1 11 ? -9.034  -14.101 5.839   1.00 0.00 ? 11 DG  A OP2    1 
ATOM   322 O "O5'"  . DG  A 1 11 ? -7.205  -13.099 7.203   1.00 0.00 ? 11 DG  A "O5'"  1 
ATOM   323 C "C5'"  . DG  A 1 11 ? -5.853  -12.841 7.562   1.00 0.00 ? 11 DG  A "C5'"  1 
ATOM   324 C "C4'"  . DG  A 1 11 ? -5.718  -12.010 8.848   1.00 0.00 ? 11 DG  A "C4'"  1 
ATOM   325 O "O4'"  . DG  A 1 11 ? -6.104  -10.666 8.584   1.00 0.00 ? 11 DG  A "O4'"  1 
ATOM   326 C "C3'"  . DG  A 1 11 ? -6.549  -12.540 10.032  1.00 0.00 ? 11 DG  A "C3'"  1 
ATOM   327 O "O3'"  . DG  A 1 11 ? -5.729  -12.676 11.194  1.00 0.00 ? 11 DG  A "O3'"  1 
ATOM   328 C "C2'"  . DG  A 1 11 ? -7.621  -11.456 10.157  1.00 0.00 ? 11 DG  A "C2'"  1 
ATOM   329 C "C1'"  . DG  A 1 11 ? -6.930  -10.196 9.630   1.00 0.00 ? 11 DG  A "C1'"  1 
ATOM   330 N N9     . DG  A 1 11 ? -7.889  -9.185  9.117   1.00 0.00 ? 11 DG  A N9     1 
ATOM   331 C C8     . DG  A 1 11 ? -8.884  -9.368  8.189   1.00 0.00 ? 11 DG  A C8     1 
ATOM   332 N N7     . DG  A 1 11 ? -9.680  -8.345  8.031   1.00 0.00 ? 11 DG  A N7     1 
ATOM   333 C C5     . DG  A 1 11 ? -9.141  -7.379  8.894   1.00 0.00 ? 11 DG  A C5     1 
ATOM   334 C C6     . DG  A 1 11 ? -9.563  -6.036  9.208   1.00 0.00 ? 11 DG  A C6     1 
ATOM   335 O O6     . DG  A 1 11 ? -10.536 -5.396  8.805   1.00 0.00 ? 11 DG  A O6     1 
ATOM   336 N N1     . DG  A 1 11 ? -8.762  -5.411  10.138  1.00 0.00 ? 11 DG  A N1     1 
ATOM   337 C C2     . DG  A 1 11 ? -7.663  -5.973  10.685  1.00 0.00 ? 11 DG  A C2     1 
ATOM   338 N N2     . DG  A 1 11 ? -6.961  -5.226  11.491  1.00 0.00 ? 11 DG  A N2     1 
ATOM   339 N N3     . DG  A 1 11 ? -7.263  -7.223  10.473  1.00 0.00 ? 11 DG  A N3     1 
ATOM   340 C C4     . DG  A 1 11 ? -8.035  -7.882  9.551   1.00 0.00 ? 11 DG  A C4     1 
ATOM   341 H "H5'"  . DG  A 1 11 ? -5.360  -12.307 6.747   1.00 0.00 ? 11 DG  A "H5'"  1 
ATOM   342 H "H5''" . DG  A 1 11 ? -5.339  -13.792 7.705   1.00 0.00 ? 11 DG  A "H5''" 1 
ATOM   343 H "H4'"  . DG  A 1 11 ? -4.668  -12.009 9.141   1.00 0.00 ? 11 DG  A "H4'"  1 
ATOM   344 H "H3'"  . DG  A 1 11 ? -7.003  -13.503 9.783   1.00 0.00 ? 11 DG  A "H3'"  1 
ATOM   345 H "H2'"  . DG  A 1 11 ? -8.457  -11.731 9.514   1.00 0.00 ? 11 DG  A "H2'"  1 
ATOM   346 H "H2''" . DG  A 1 11 ? -7.965  -11.323 11.178  1.00 0.00 ? 11 DG  A "H2''" 1 
ATOM   347 H "H1'"  . DG  A 1 11 ? -6.309  -9.758  10.415  1.00 0.00 ? 11 DG  A "H1'"  1 
ATOM   348 H H8     . DG  A 1 11 ? -9.001  -10.304 7.658   1.00 0.00 ? 11 DG  A H8     1 
ATOM   349 H H1     . DG  A 1 11 ? -8.940  -4.433  10.307  1.00 0.00 ? 11 DG  A H1     1 
ATOM   350 H H21    . DG  A 1 11 ? -6.046  -5.569  11.715  1.00 0.00 ? 11 DG  A H21    1 
ATOM   351 H H22    . DG  A 1 11 ? -7.196  -4.244  11.615  1.00 0.00 ? 11 DG  A H22    1 
ATOM   352 P P      . DT  A 1 12 ? -6.266  -13.304 12.582  1.00 0.00 ? 12 DT  A P      1 
ATOM   353 O OP1    . DT  A 1 12 ? -5.124  -13.767 13.400  1.00 0.00 ? 12 DT  A OP1    1 
ATOM   354 O OP2    . DT  A 1 12 ? -7.403  -14.210 12.324  1.00 0.00 ? 12 DT  A OP2    1 
ATOM   355 O "O5'"  . DT  A 1 12 ? -6.853  -12.004 13.305  1.00 0.00 ? 12 DT  A "O5'"  1 
ATOM   356 C "C5'"  . DT  A 1 12 ? -5.994  -10.952 13.702  1.00 0.00 ? 12 DT  A "C5'"  1 
ATOM   357 C "C4'"  . DT  A 1 12 ? -6.792  -9.814  14.340  1.00 0.00 ? 12 DT  A "C4'"  1 
ATOM   358 O "O4'"  . DT  A 1 12 ? -7.427  -9.010  13.371  1.00 0.00 ? 12 DT  A "O4'"  1 
ATOM   359 C "C3'"  . DT  A 1 12 ? -7.942  -10.272 15.242  1.00 0.00 ? 12 DT  A "C3'"  1 
ATOM   360 O "O3'"  . DT  A 1 12 ? -7.502  -10.673 16.530  1.00 0.00 ? 12 DT  A "O3'"  1 
ATOM   361 C "C2'"  . DT  A 1 12 ? -8.826  -9.029  15.281  1.00 0.00 ? 12 DT  A "C2'"  1 
ATOM   362 C "C1'"  . DT  A 1 12 ? -8.402  -8.231  14.037  1.00 0.00 ? 12 DT  A "C1'"  1 
ATOM   363 N N1     . DT  A 1 12 ? -9.544  -7.948  13.132  1.00 0.00 ? 12 DT  A N1     1 
ATOM   364 C C2     . DT  A 1 12 ? -10.157 -6.697  13.249  1.00 0.00 ? 12 DT  A C2     1 
ATOM   365 O O2     . DT  A 1 12 ? -9.869  -5.879  14.120  1.00 0.00 ? 12 DT  A O2     1 
ATOM   366 N N3     . DT  A 1 12 ? -11.196 -6.442  12.391  1.00 0.00 ? 12 DT  A N3     1 
ATOM   367 C C4     . DT  A 1 12 ? -11.777 -7.343  11.532  1.00 0.00 ? 12 DT  A C4     1 
ATOM   368 O O4     . DT  A 1 12 ? -12.789 -7.001  10.925  1.00 0.00 ? 12 DT  A O4     1 
ATOM   369 C C5     . DT  A 1 12 ? -11.125 -8.653  11.491  1.00 0.00 ? 12 DT  A C5     1 
ATOM   370 C C7     . DT  A 1 12 ? -11.665 -9.746  10.585  1.00 0.00 ? 12 DT  A C7     1 
ATOM   371 C C6     . DT  A 1 12 ? -10.037 -8.906  12.269  1.00 0.00 ? 12 DT  A C6     1 
ATOM   372 H "H5'"  . DT  A 1 12 ? -5.443  -10.570 12.841  1.00 0.00 ? 12 DT  A "H5'"  1 
ATOM   373 H "H5''" . DT  A 1 12 ? -5.276  -11.342 14.424  1.00 0.00 ? 12 DT  A "H5''" 1 
ATOM   374 H "H4'"  . DT  A 1 12 ? -6.107  -9.189  14.916  1.00 0.00 ? 12 DT  A "H4'"  1 
ATOM   375 H "H3'"  . DT  A 1 12 ? -8.491  -11.081 14.753  1.00 0.00 ? 12 DT  A "H3'"  1 
ATOM   376 H "HO3'" . DT  A 1 12 ? -6.987  -11.480 16.393  1.00 0.00 ? 12 DT  A "HO3'" 1 
ATOM   377 H "H2'"  . DT  A 1 12 ? -9.877  -9.318  15.240  1.00 0.00 ? 12 DT  A "H2'"  1 
ATOM   378 H "H2''" . DT  A 1 12 ? -8.629  -8.443  16.178  1.00 0.00 ? 12 DT  A "H2''" 1 
ATOM   379 H "H1'"  . DT  A 1 12 ? -7.946  -7.285  14.349  1.00 0.00 ? 12 DT  A "H1'"  1 
ATOM   380 H H3     . DT  A 1 12 ? -11.511 -5.483  12.337  1.00 0.00 ? 12 DT  A H3     1 
ATOM   381 H H71    . DT  A 1 12 ? -11.067 -10.654 10.658  1.00 0.00 ? 12 DT  A H71    1 
ATOM   382 H H72    . DT  A 1 12 ? -12.697 -9.958  10.859  1.00 0.00 ? 12 DT  A H72    1 
ATOM   383 H H73    . DT  A 1 12 ? -11.657 -9.392  9.554   1.00 0.00 ? 12 DT  A H73    1 
ATOM   384 H H6     . DT  A 1 12 ? -9.533  -9.863  12.213  1.00 0.00 ? 12 DT  A H6     1 
ATOM   385 O "O5'"  . DA  B 2 1  ? -15.742 3.306   12.414  1.00 0.00 ? 13 DA  B "O5'"  1 
ATOM   386 C "C5'"  . DA  B 2 1  ? -14.563 3.825   11.825  1.00 0.00 ? 13 DA  B "C5'"  1 
ATOM   387 C "C4'"  . DA  B 2 1  ? -13.351 3.429   12.677  1.00 0.00 ? 13 DA  B "C4'"  1 
ATOM   388 O "O4'"  . DA  B 2 1  ? -13.328 2.011   12.806  1.00 0.00 ? 13 DA  B "O4'"  1 
ATOM   389 C "C3'"  . DA  B 2 1  ? -12.041 3.862   12.022  1.00 0.00 ? 13 DA  B "C3'"  1 
ATOM   390 O "O3'"  . DA  B 2 1  ? -11.185 4.318   13.047  1.00 0.00 ? 13 DA  B "O3'"  1 
ATOM   391 C "C2'"  . DA  B 2 1  ? -11.540 2.589   11.347  1.00 0.00 ? 13 DA  B "C2'"  1 
ATOM   392 C "C1'"  . DA  B 2 1  ? -12.142 1.486   12.217  1.00 0.00 ? 13 DA  B "C1'"  1 
ATOM   393 N N9     . DA  B 2 1  ? -12.505 0.280   11.439  1.00 0.00 ? 13 DA  B N9     1 
ATOM   394 C C8     . DA  B 2 1  ? -13.350 0.186   10.359  1.00 0.00 ? 13 DA  B C8     1 
ATOM   395 N N7     . DA  B 2 1  ? -13.571 -1.031  9.941   1.00 0.00 ? 13 DA  B N7     1 
ATOM   396 C C5     . DA  B 2 1  ? -12.765 -1.801  10.800  1.00 0.00 ? 13 DA  B C5     1 
ATOM   397 C C6     . DA  B 2 1  ? -12.496 -3.183  10.952  1.00 0.00 ? 13 DA  B C6     1 
ATOM   398 N N6     . DA  B 2 1  ? -13.010 -4.134  10.200  1.00 0.00 ? 13 DA  B N6     1 
ATOM   399 N N1     . DA  B 2 1  ? -11.708 -3.629  11.929  1.00 0.00 ? 13 DA  B N1     1 
ATOM   400 C C2     . DA  B 2 1  ? -11.126 -2.737  12.720  1.00 0.00 ? 13 DA  B C2     1 
ATOM   401 N N3     . DA  B 2 1  ? -11.287 -1.416  12.712  1.00 0.00 ? 13 DA  B N3     1 
ATOM   402 C C4     . DA  B 2 1  ? -12.116 -1.011  11.712  1.00 0.00 ? 13 DA  B C4     1 
ATOM   403 H "H5'"  . DA  B 2 1  ? -14.625 4.912   11.771  1.00 0.00 ? 13 DA  B "H5'"  1 
ATOM   404 H "H5''" . DA  B 2 1  ? -14.442 3.424   10.817  1.00 0.00 ? 13 DA  B "H5''" 1 
ATOM   405 H "H4'"  . DA  B 2 1  ? -13.426 3.901   13.659  1.00 0.00 ? 13 DA  B "H4'"  1 
ATOM   406 H "H3'"  . DA  B 2 1  ? -12.206 4.656   11.291  1.00 0.00 ? 13 DA  B "H3'"  1 
ATOM   407 H "H2'"  . DA  B 2 1  ? -11.916 2.546   10.326  1.00 0.00 ? 13 DA  B "H2'"  1 
ATOM   408 H "H2''" . DA  B 2 1  ? -10.453 2.531   11.343  1.00 0.00 ? 13 DA  B "H2''" 1 
ATOM   409 H "H1'"  . DA  B 2 1  ? -11.417 1.222   12.996  1.00 0.00 ? 13 DA  B "H1'"  1 
ATOM   410 H H8     . DA  B 2 1  ? -13.823 1.052   9.919   1.00 0.00 ? 13 DA  B H8     1 
ATOM   411 H H61    . DA  B 2 1  ? -13.480 -3.866  9.358   1.00 0.00 ? 13 DA  B H61    1 
ATOM   412 H H62    . DA  B 2 1  ? -12.629 -5.069  10.298  1.00 0.00 ? 13 DA  B H62    1 
ATOM   413 H H2     . DA  B 2 1  ? -10.470 -3.133  13.483  1.00 0.00 ? 13 DA  B H2     1 
ATOM   414 H "HO5'" . DA  B 2 1  ? -15.499 2.445   12.781  1.00 0.00 ? 13 DA  B "HO5'" 1 
ATOM   415 P P      . DC  B 2 2  ? -9.868  5.178   12.723  1.00 0.00 ? 14 DC  B P      1 
ATOM   416 O OP1    . DC  B 2 2  ? -9.582  5.986   13.927  1.00 0.00 ? 14 DC  B OP1    1 
ATOM   417 O OP2    . DC  B 2 2  ? -10.088 5.832   11.416  1.00 0.00 ? 14 DC  B OP2    1 
ATOM   418 O "O5'"  . DC  B 2 2  ? -8.776  4.010   12.580  1.00 0.00 ? 14 DC  B "O5'"  1 
ATOM   419 C "C5'"  . DC  B 2 2  ? -8.344  3.297   13.728  1.00 0.00 ? 14 DC  B "C5'"  1 
ATOM   420 C "C4'"  . DC  B 2 2  ? -7.560  2.018   13.410  1.00 0.00 ? 14 DC  B "C4'"  1 
ATOM   421 O "O4'"  . DC  B 2 2  ? -8.339  1.083   12.678  1.00 0.00 ? 14 DC  B "O4'"  1 
ATOM   422 C "C3'"  . DC  B 2 2  ? -6.237  2.217   12.659  1.00 0.00 ? 14 DC  B "C3'"  1 
ATOM   423 O "O3'"  . DC  B 2 2  ? -5.188  1.791   13.517  1.00 0.00 ? 14 DC  B "O3'"  1 
ATOM   424 C "C2'"  . DC  B 2 2  ? -6.379  1.300   11.445  1.00 0.00 ? 14 DC  B "C2'"  1 
ATOM   425 C "C1'"  . DC  B 2 2  ? -7.432  0.297   11.929  1.00 0.00 ? 14 DC  B "C1'"  1 
ATOM   426 N N1     . DC  B 2 2  ? -8.173  -0.443  10.867  1.00 0.00 ? 14 DC  B N1     1 
ATOM   427 C C2     . DC  B 2 2  ? -8.317  -1.835  10.976  1.00 0.00 ? 14 DC  B C2     1 
ATOM   428 O O2     . DC  B 2 2  ? -7.772  -2.488  11.864  1.00 0.00 ? 14 DC  B O2     1 
ATOM   429 N N3     . DC  B 2 2  ? -9.083  -2.521  10.097  1.00 0.00 ? 14 DC  B N3     1 
ATOM   430 C C4     . DC  B 2 2  ? -9.649  -1.867  9.110   1.00 0.00 ? 14 DC  B C4     1 
ATOM   431 N N4     . DC  B 2 2  ? -10.380 -2.582  8.307   1.00 0.00 ? 14 DC  B N4     1 
ATOM   432 C C5     . DC  B 2 2  ? -9.546  -0.460  8.937   1.00 0.00 ? 14 DC  B C5     1 
ATOM   433 C C6     . DC  B 2 2  ? -8.793  0.224   9.838   1.00 0.00 ? 14 DC  B C6     1 
ATOM   434 H "H5'"  . DC  B 2 2  ? -9.216  3.016   14.320  1.00 0.00 ? 14 DC  B "H5'"  1 
ATOM   435 H "H5''" . DC  B 2 2  ? -7.722  3.956   14.335  1.00 0.00 ? 14 DC  B "H5''" 1 
ATOM   436 H "H4'"  . DC  B 2 2  ? -7.309  1.554   14.365  1.00 0.00 ? 14 DC  B "H4'"  1 
ATOM   437 H "H3'"  . DC  B 2 2  ? -6.105  3.261   12.359  1.00 0.00 ? 14 DC  B "H3'"  1 
ATOM   438 H "H2'"  . DC  B 2 2  ? -6.727  1.884   10.596  1.00 0.00 ? 14 DC  B "H2'"  1 
ATOM   439 H "H2''" . DC  B 2 2  ? -5.439  0.806   11.201  1.00 0.00 ? 14 DC  B "H2''" 1 
ATOM   440 H "H1'"  . DC  B 2 2  ? -6.924  -0.413  12.590  1.00 0.00 ? 14 DC  B "H1'"  1 
ATOM   441 H H41    . DC  B 2 2  ? -10.688 -2.190  7.444   1.00 0.00 ? 14 DC  B H41    1 
ATOM   442 H H42    . DC  B 2 2  ? -10.356 -3.590  8.446   1.00 0.00 ? 14 DC  B H42    1 
ATOM   443 H H5     . DC  B 2 2  ? -10.025 0.061   8.126   1.00 0.00 ? 14 DC  B H5     1 
ATOM   444 H H6     . DC  B 2 2  ? -8.679  1.299   9.769   1.00 0.00 ? 14 DC  B H6     1 
ATOM   445 P P      . DA  B 2 3  ? -3.638  2.106   13.208  1.00 0.00 ? 15 DA  B P      1 
ATOM   446 O OP1    . DA  B 2 3  ? -2.975  2.304   14.515  1.00 0.00 ? 15 DA  B OP1    1 
ATOM   447 O OP2    . DA  B 2 3  ? -3.577  3.158   12.176  1.00 0.00 ? 15 DA  B OP2    1 
ATOM   448 O "O5'"  . DA  B 2 3  ? -3.129  0.713   12.587  1.00 0.00 ? 15 DA  B "O5'"  1 
ATOM   449 C "C5'"  . DA  B 2 3  ? -2.944  -0.407  13.438  1.00 0.00 ? 15 DA  B "C5'"  1 
ATOM   450 C "C4'"  . DA  B 2 3  ? -2.465  -1.680  12.731  1.00 0.00 ? 15 DA  B "C4'"  1 
ATOM   451 O "O4'"  . DA  B 2 3  ? -3.486  -2.181  11.882  1.00 0.00 ? 15 DA  B "O4'"  1 
ATOM   452 C "C3'"  . DA  B 2 3  ? -1.173  -1.536  11.922  1.00 0.00 ? 15 DA  B "C3'"  1 
ATOM   453 O "O3'"  . DA  B 2 3  ? -0.338  -2.624  12.282  1.00 0.00 ? 15 DA  B "O3'"  1 
ATOM   454 C "C2'"  . DA  B 2 3  ? -1.665  -1.632  10.480  1.00 0.00 ? 15 DA  B "C2'"  1 
ATOM   455 C "C1'"  . DA  B 2 3  ? -2.918  -2.503  10.625  1.00 0.00 ? 15 DA  B "C1'"  1 
ATOM   456 N N9     . DA  B 2 3  ? -3.970  -2.275  9.605   1.00 0.00 ? 15 DA  B N9     1 
ATOM   457 C C8     . DA  B 2 3  ? -4.507  -1.082  9.183   1.00 0.00 ? 15 DA  B C8     1 
ATOM   458 N N7     . DA  B 2 3  ? -5.555  -1.199  8.407   1.00 0.00 ? 15 DA  B N7     1 
ATOM   459 C C5     . DA  B 2 3  ? -5.679  -2.593  8.265   1.00 0.00 ? 15 DA  B C5     1 
ATOM   460 C C6     . DA  B 2 3  ? -6.563  -3.459  7.574   1.00 0.00 ? 15 DA  B C6     1 
ATOM   461 N N6     . DA  B 2 3  ? -7.567  -3.068  6.810   1.00 0.00 ? 15 DA  B N6     1 
ATOM   462 N N1     . DA  B 2 3  ? -6.443  -4.782  7.655   1.00 0.00 ? 15 DA  B N1     1 
ATOM   463 C C2     . DA  B 2 3  ? -5.449  -5.277  8.384   1.00 0.00 ? 15 DA  B C2     1 
ATOM   464 N N3     . DA  B 2 3  ? -4.555  -4.600  9.101   1.00 0.00 ? 15 DA  B N3     1 
ATOM   465 C C4     . DA  B 2 3  ? -4.719  -3.251  8.988   1.00 0.00 ? 15 DA  B C4     1 
ATOM   466 H "H5'"  . DA  B 2 3  ? -3.888  -0.626  13.936  1.00 0.00 ? 15 DA  B "H5'"  1 
ATOM   467 H "H5''" . DA  B 2 3  ? -2.208  -0.142  14.199  1.00 0.00 ? 15 DA  B "H5''" 1 
ATOM   468 H "H4'"  . DA  B 2 3  ? -2.281  -2.425  13.505  1.00 0.00 ? 15 DA  B "H4'"  1 
ATOM   469 H "H3'"  . DA  B 2 3  ? -0.680  -0.579  12.118  1.00 0.00 ? 15 DA  B "H3'"  1 
ATOM   470 H "H2'"  . DA  B 2 3  ? -1.904  -0.634  10.113  1.00 0.00 ? 15 DA  B "H2'"  1 
ATOM   471 H "H2''" . DA  B 2 3  ? -0.920  -2.104  9.838   1.00 0.00 ? 15 DA  B "H2''" 1 
ATOM   472 H "H1'"  . DA  B 2 3  ? -2.612  -3.554  10.617  1.00 0.00 ? 15 DA  B "H1'"  1 
ATOM   473 H H8     . DA  B 2 3  ? -4.110  -0.128  9.508   1.00 0.00 ? 15 DA  B H8     1 
ATOM   474 H H61    . DA  B 2 3  ? -7.604  -2.105  6.539   1.00 0.00 ? 15 DA  B H61    1 
ATOM   475 H H62    . DA  B 2 3  ? -8.130  -3.775  6.350   1.00 0.00 ? 15 DA  B H62    1 
ATOM   476 H H2     . DA  B 2 3  ? -5.371  -6.355  8.415   1.00 0.00 ? 15 DA  B H2     1 
ATOM   477 P P      . DA  B 2 4  ? 1.219   -2.693  11.880  1.00 0.00 ? 16 DA  B P      1 
ATOM   478 O OP1    . DA  B 2 4  ? 1.907   -3.441  12.956  1.00 0.00 ? 16 DA  B OP1    1 
ATOM   479 O OP2    . DA  B 2 4  ? 1.671   -1.336  11.516  1.00 0.00 ? 16 DA  B OP2    1 
ATOM   480 O "O5'"  . DA  B 2 4  ? 1.176   -3.606  10.566  1.00 0.00 ? 16 DA  B "O5'"  1 
ATOM   481 C "C5'"  . DA  B 2 4  ? 0.916   -4.993  10.691  1.00 0.00 ? 16 DA  B "C5'"  1 
ATOM   482 C "C4'"  . DA  B 2 4  ? 0.621   -5.684  9.357   1.00 0.00 ? 16 DA  B "C4'"  1 
ATOM   483 O "O4'"  . DA  B 2 4  ? -0.546  -5.133  8.774   1.00 0.00 ? 16 DA  B "O4'"  1 
ATOM   484 C "C3'"  . DA  B 2 4  ? 1.745   -5.657  8.310   1.00 0.00 ? 16 DA  B "C3'"  1 
ATOM   485 O "O3'"  . DA  B 2 4  ? 2.176   -7.000  8.114   1.00 0.00 ? 16 DA  B "O3'"  1 
ATOM   486 C "C2'"  . DA  B 2 4  ? 1.049   -5.072  7.077   1.00 0.00 ? 16 DA  B "C2'"  1 
ATOM   487 C "C1'"  . DA  B 2 4  ? -0.439  -5.279  7.373   1.00 0.00 ? 16 DA  B "C1'"  1 
ATOM   488 N N9     . DA  B 2 4  ? -1.350  -4.306  6.722   1.00 0.00 ? 16 DA  B N9     1 
ATOM   489 C C8     . DA  B 2 4  ? -1.358  -2.936  6.833   1.00 0.00 ? 16 DA  B C8     1 
ATOM   490 N N7     . DA  B 2 4  ? -2.371  -2.346  6.254   1.00 0.00 ? 16 DA  B N7     1 
ATOM   491 C C5     . DA  B 2 4  ? -3.079  -3.425  5.694   1.00 0.00 ? 16 DA  B C5     1 
ATOM   492 C C6     . DA  B 2 4  ? -4.276  -3.562  4.947   1.00 0.00 ? 16 DA  B C6     1 
ATOM   493 N N6     . DA  B 2 4  ? -5.047  -2.559  4.572   1.00 0.00 ? 16 DA  B N6     1 
ATOM   494 N N1     . DA  B 2 4  ? -4.723  -4.757  4.562   1.00 0.00 ? 16 DA  B N1     1 
ATOM   495 C C2     . DA  B 2 4  ? -3.996  -5.820  4.884   1.00 0.00 ? 16 DA  B C2     1 
ATOM   496 N N3     . DA  B 2 4  ? -2.862  -5.856  5.575   1.00 0.00 ? 16 DA  B N3     1 
ATOM   497 C C4     . DA  B 2 4  ? -2.455  -4.615  5.960   1.00 0.00 ? 16 DA  B C4     1 
ATOM   498 H "H5'"  . DA  B 2 4  ? 0.044   -5.128  11.333  1.00 0.00 ? 16 DA  B "H5'"  1 
ATOM   499 H "H5''" . DA  B 2 4  ? 1.775   -5.466  11.170  1.00 0.00 ? 16 DA  B "H5''" 1 
ATOM   500 H "H4'"  . DA  B 2 4  ? 0.420   -6.731  9.579   1.00 0.00 ? 16 DA  B "H4'"  1 
ATOM   501 H "H3'"  . DA  B 2 4  ? 2.575   -5.023  8.634   1.00 0.00 ? 16 DA  B "H3'"  1 
ATOM   502 H "H2'"  . DA  B 2 4  ? 1.289   -4.012  6.997   1.00 0.00 ? 16 DA  B "H2'"  1 
ATOM   503 H "H2''" . DA  B 2 4  ? 1.341   -5.597  6.169   1.00 0.00 ? 16 DA  B "H2''" 1 
ATOM   504 H "H1'"  . DA  B 2 4  ? -0.722  -6.298  7.088   1.00 0.00 ? 16 DA  B "H1'"  1 
ATOM   505 H H8     . DA  B 2 4  ? -0.598  -2.400  7.385   1.00 0.00 ? 16 DA  B H8     1 
ATOM   506 H H61    . DA  B 2 4  ? -4.721  -1.624  4.732   1.00 0.00 ? 16 DA  B H61    1 
ATOM   507 H H62    . DA  B 2 4  ? -5.854  -2.759  3.995   1.00 0.00 ? 16 DA  B H62    1 
ATOM   508 H H2     . DA  B 2 4  ? -4.379  -6.775  4.546   1.00 0.00 ? 16 DA  B H2     1 
ATOM   509 P P      . DA  B 2 5  ? 3.506   -7.392  7.295   1.00 0.00 ? 17 DA  B P      1 
ATOM   510 O OP1    . DA  B 2 5  ? 4.023   -8.659  7.862   1.00 0.00 ? 17 DA  B OP1    1 
ATOM   511 O OP2    . DA  B 2 5  ? 4.385   -6.207  7.229   1.00 0.00 ? 17 DA  B OP2    1 
ATOM   512 O "O5'"  . DA  B 2 5  ? 2.939   -7.692  5.815   1.00 0.00 ? 17 DA  B "O5'"  1 
ATOM   513 C "C5'"  . DA  B 2 5  ? 2.225   -8.892  5.557   1.00 0.00 ? 17 DA  B "C5'"  1 
ATOM   514 C "C4'"  . DA  B 2 5  ? 1.590   -8.964  4.159   1.00 0.00 ? 17 DA  B "C4'"  1 
ATOM   515 O "O4'"  . DA  B 2 5  ? 0.561   -7.991  4.057   1.00 0.00 ? 17 DA  B "O4'"  1 
ATOM   516 C "C3'"  . DA  B 2 5  ? 2.546   -8.800  2.963   1.00 0.00 ? 17 DA  B "C3'"  1 
ATOM   517 O "O3'"  . DA  B 2 5  ? 2.392   -9.928  2.104   1.00 0.00 ? 17 DA  B "O3'"  1 
ATOM   518 C "C2'"  . DA  B 2 5  ? 2.054   -7.492  2.341   1.00 0.00 ? 17 DA  B "C2'"  1 
ATOM   519 C "C1'"  . DA  B 2 5  ? 0.582   -7.439  2.755   1.00 0.00 ? 17 DA  B "C1'"  1 
ATOM   520 N N9     . DA  B 2 5  ? 0.033   -6.065  2.807   1.00 0.00 ? 17 DA  B N9     1 
ATOM   521 C C8     . DA  B 2 5  ? 0.580   -4.957  3.409   1.00 0.00 ? 17 DA  B C8     1 
ATOM   522 N N7     . DA  B 2 5  ? -0.126  -3.866  3.285   1.00 0.00 ? 17 DA  B N7     1 
ATOM   523 C C5     . DA  B 2 5  ? -1.243  -4.303  2.552   1.00 0.00 ? 17 DA  B C5     1 
ATOM   524 C C6     . DA  B 2 5  ? -2.412  -3.683  2.051   1.00 0.00 ? 17 DA  B C6     1 
ATOM   525 N N6     . DA  B 2 5  ? -2.688  -2.404  2.201   1.00 0.00 ? 17 DA  B N6     1 
ATOM   526 N N1     . DA  B 2 5  ? -3.333  -4.375  1.375   1.00 0.00 ? 17 DA  B N1     1 
ATOM   527 C C2     . DA  B 2 5  ? -3.108  -5.666  1.171   1.00 0.00 ? 17 DA  B C2     1 
ATOM   528 N N3     . DA  B 2 5  ? -2.055  -6.380  1.553   1.00 0.00 ? 17 DA  B N3     1 
ATOM   529 C C4     . DA  B 2 5  ? -1.157  -5.638  2.259   1.00 0.00 ? 17 DA  B C4     1 
ATOM   530 H "H5'"  . DA  B 2 5  ? 1.428   -8.999  6.296   1.00 0.00 ? 17 DA  B "H5'"  1 
ATOM   531 H "H5''" . DA  B 2 5  ? 2.913   -9.729  5.678   1.00 0.00 ? 17 DA  B "H5''" 1 
ATOM   532 H "H4'"  . DA  B 2 5  ? 1.127   -9.946  4.067   1.00 0.00 ? 17 DA  B "H4'"  1 
ATOM   533 H "H3'"  . DA  B 2 5  ? 3.584   -8.710  3.291   1.00 0.00 ? 17 DA  B "H3'"  1 
ATOM   534 H "H2'"  . DA  B 2 5  ? 2.614   -6.669  2.781   1.00 0.00 ? 17 DA  B "H2'"  1 
ATOM   535 H "H2''" . DA  B 2 5  ? 2.158   -7.477  1.259   1.00 0.00 ? 17 DA  B "H2''" 1 
ATOM   536 H "H1'"  . DA  B 2 5  ? -0.014  -8.056  2.075   1.00 0.00 ? 17 DA  B "H1'"  1 
ATOM   537 H H8     . DA  B 2 5  ? 1.522   -4.997  3.941   1.00 0.00 ? 17 DA  B H8     1 
ATOM   538 H H61    . DA  B 2 5  ? -2.026  -1.812  2.668   1.00 0.00 ? 17 DA  B H61    1 
ATOM   539 H H62    . DA  B 2 5  ? -3.560  -2.044  1.825   1.00 0.00 ? 17 DA  B H62    1 
ATOM   540 H H2     . DA  B 2 5  ? -3.872  -6.200  0.619   1.00 0.00 ? 17 DA  B H2     1 
ATOM   541 P P      . DC  B 2 6  ? 3.269   -10.165 0.765   1.00 0.00 ? 18 DC  B P      1 
ATOM   542 O OP1    . DC  B 2 6  ? 3.228   -11.610 0.450   1.00 0.00 ? 18 DC  B OP1    1 
ATOM   543 O OP2    . DC  B 2 6  ? 4.577   -9.495  0.928   1.00 0.00 ? 18 DC  B OP2    1 
ATOM   544 O "O5'"  . DC  B 2 6  ? 2.403   -9.382  -0.345  1.00 0.00 ? 18 DC  B "O5'"  1 
ATOM   545 C "C5'"  . DC  B 2 6  ? 1.094   -9.835  -0.670  1.00 0.00 ? 18 DC  B "C5'"  1 
ATOM   546 C "C4'"  . DC  B 2 6  ? 0.300   -8.883  -1.574  1.00 0.00 ? 18 DC  B "C4'"  1 
ATOM   547 O "O4'"  . DC  B 2 6  ? 0.030   -7.652  -0.921  1.00 0.00 ? 18 DC  B "O4'"  1 
ATOM   548 C "C3'"  . DC  B 2 6  ? 0.946   -8.559  -2.929  1.00 0.00 ? 18 DC  B "C3'"  1 
ATOM   549 O "O3'"  . DC  B 2 6  ? 0.193   -9.174  -3.967  1.00 0.00 ? 18 DC  B "O3'"  1 
ATOM   550 C "C2'"  . DC  B 2 6  ? 0.846   -7.031  -2.995  1.00 0.00 ? 18 DC  B "C2'"  1 
ATOM   551 C "C1'"  . DC  B 2 6  ? -0.207  -6.693  -1.935  1.00 0.00 ? 18 DC  B "C1'"  1 
ATOM   552 N N1     . DC  B 2 6  ? -0.080  -5.313  -1.392  1.00 0.00 ? 18 DC  B N1     1 
ATOM   553 C C2     . DC  B 2 6  ? -1.066  -4.354  -1.679  1.00 0.00 ? 18 DC  B C2     1 
ATOM   554 O O2     . DC  B 2 6  ? -2.000  -4.588  -2.442  1.00 0.00 ? 18 DC  B O2     1 
ATOM   555 N N3     . DC  B 2 6  ? -1.000  -3.119  -1.128  1.00 0.00 ? 18 DC  B N3     1 
ATOM   556 C C4     . DC  B 2 6  ? 0.005   -2.832  -0.331  1.00 0.00 ? 18 DC  B C4     1 
ATOM   557 N N4     . DC  B 2 6  ? 0.008   -1.646  0.201   1.00 0.00 ? 18 DC  B N4     1 
ATOM   558 C C5     . DC  B 2 6  ? 1.033   -3.761  -0.005  1.00 0.00 ? 18 DC  B C5     1 
ATOM   559 C C6     . DC  B 2 6  ? 0.966   -4.990  -0.568  1.00 0.00 ? 18 DC  B C6     1 
ATOM   560 H "H5'"  . DC  B 2 6  ? 0.529   -9.969  0.254   1.00 0.00 ? 18 DC  B "H5'"  1 
ATOM   561 H "H5''" . DC  B 2 6  ? 1.173   -10.805 -1.162  1.00 0.00 ? 18 DC  B "H5''" 1 
ATOM   562 H "H4'"  . DC  B 2 6  ? -0.657  -9.363  -1.781  1.00 0.00 ? 18 DC  B "H4'"  1 
ATOM   563 H "H3'"  . DC  B 2 6  ? 1.986   -8.891  -2.947  1.00 0.00 ? 18 DC  B "H3'"  1 
ATOM   564 H "H2'"  . DC  B 2 6  ? 1.812   -6.599  -2.735  1.00 0.00 ? 18 DC  B "H2'"  1 
ATOM   565 H "H2''" . DC  B 2 6  ? 0.523   -6.686  -3.975  1.00 0.00 ? 18 DC  B "H2''" 1 
ATOM   566 H "H1'"  . DC  B 2 6  ? -1.206  -6.845  -2.359  1.00 0.00 ? 18 DC  B "H1'"  1 
ATOM   567 H H41    . DC  B 2 6  ? 0.646   -1.427  0.935   1.00 0.00 ? 18 DC  B H41    1 
ATOM   568 H H42    . DC  B 2 6  ? -0.781  -1.040  -0.021  1.00 0.00 ? 18 DC  B H42    1 
ATOM   569 H H5     . DC  B 2 6  ? 1.842   -3.508  0.663   1.00 0.00 ? 18 DC  B H5     1 
ATOM   570 H H6     . DC  B 2 6  ? 1.709   -5.749  -0.350  1.00 0.00 ? 18 DC  B H6     1 
ATOM   571 P P      . DA  B 2 7  ? 0.756   -9.340  -5.469  1.00 0.00 ? 19 DA  B P      1 
ATOM   572 O OP1    . DA  B 2 7  ? -0.032  -10.407 -6.124  1.00 0.00 ? 19 DA  B OP1    1 
ATOM   573 O OP2    . DA  B 2 7  ? 2.229   -9.449  -5.420  1.00 0.00 ? 19 DA  B OP2    1 
ATOM   574 O "O5'"  . DA  B 2 7  ? 0.380   -7.942  -6.170  1.00 0.00 ? 19 DA  B "O5'"  1 
ATOM   575 C "C5'"  . DA  B 2 7  ? -0.954  -7.675  -6.579  1.00 0.00 ? 19 DA  B "C5'"  1 
ATOM   576 C "C4'"  . DA  B 2 7  ? -1.133  -6.286  -7.205  1.00 0.00 ? 19 DA  B "C4'"  1 
ATOM   577 O "O4'"  . DA  B 2 7  ? -1.150  -5.285  -6.199  1.00 0.00 ? 19 DA  B "O4'"  1 
ATOM   578 C "C3'"  . DA  B 2 7  ? -0.075  -5.900  -8.254  1.00 0.00 ? 19 DA  B "C3'"  1 
ATOM   579 O "O3'"  . DA  B 2 7  ? -0.712  -5.749  -9.522  1.00 0.00 ? 19 DA  B "O3'"  1 
ATOM   580 C "C2'"  . DA  B 2 7  ? 0.479   -4.588  -7.684  1.00 0.00 ? 19 DA  B "C2'"  1 
ATOM   581 C "C1'"  . DA  B 2 7  ? -0.625  -4.093  -6.747  1.00 0.00 ? 19 DA  B "C1'"  1 
ATOM   582 N N9     . DA  B 2 7  ? -0.141  -3.230  -5.643  1.00 0.00 ? 19 DA  B N9     1 
ATOM   583 C C8     . DA  B 2 7  ? 0.811   -3.528  -4.697  1.00 0.00 ? 19 DA  B C8     1 
ATOM   584 N N7     . DA  B 2 7  ? 1.010   -2.593  -3.806  1.00 0.00 ? 19 DA  B N7     1 
ATOM   585 C C5     . DA  B 2 7  ? 0.085   -1.601  -4.187  1.00 0.00 ? 19 DA  B C5     1 
ATOM   586 C C6     . DA  B 2 7  ? -0.293  -0.333  -3.675  1.00 0.00 ? 19 DA  B C6     1 
ATOM   587 N N6     . DA  B 2 7  ? 0.205   0.209   -2.583  1.00 0.00 ? 19 DA  B N6     1 
ATOM   588 N N1     . DA  B 2 7  ? -1.227  0.410   -4.273  1.00 0.00 ? 19 DA  B N1     1 
ATOM   589 C C2     . DA  B 2 7  ? -1.789  -0.079  -5.369  1.00 0.00 ? 19 DA  B C2     1 
ATOM   590 N N3     . DA  B 2 7  ? -1.551  -1.243  -5.969  1.00 0.00 ? 19 DA  B N3     1 
ATOM   591 C C4     . DA  B 2 7  ? -0.599  -1.969  -5.315  1.00 0.00 ? 19 DA  B C4     1 
ATOM   592 H "H5'"  . DA  B 2 7  ? -1.613  -7.753  -5.713  1.00 0.00 ? 19 DA  B "H5'"  1 
ATOM   593 H "H5''" . DA  B 2 7  ? -1.254  -8.428  -7.310  1.00 0.00 ? 19 DA  B "H5''" 1 
ATOM   594 H "H4'"  . DA  B 2 7  ? -2.102  -6.271  -7.702  1.00 0.00 ? 19 DA  B "H4'"  1 
ATOM   595 H "H3'"  . DA  B 2 7  ? 0.712   -6.655  -8.314  1.00 0.00 ? 19 DA  B "H3'"  1 
ATOM   596 H "H2'"  . DA  B 2 7  ? 1.387   -4.809  -7.122  1.00 0.00 ? 19 DA  B "H2'"  1 
ATOM   597 H "H2''" . DA  B 2 7  ? 0.688   -3.856  -8.460  1.00 0.00 ? 19 DA  B "H2''" 1 
ATOM   598 H "H1'"  . DA  B 2 7  ? -1.393  -3.568  -7.327  1.00 0.00 ? 19 DA  B "H1'"  1 
ATOM   599 H H8     . DA  B 2 7  ? 1.347   -4.469  -4.699  1.00 0.00 ? 19 DA  B H8     1 
ATOM   600 H H61    . DA  B 2 7  ? 0.877   -0.301  -2.044  1.00 0.00 ? 19 DA  B H61    1 
ATOM   601 H H62    . DA  B 2 7  ? -0.114  1.135   -2.305  1.00 0.00 ? 19 DA  B H62    1 
ATOM   602 H H2     . DA  B 2 7  ? -2.531  0.551   -5.840  1.00 0.00 ? 19 DA  B H2     1 
ATOM   603 P P      . DC  B 2 8  ? 0.103   -5.507  -10.891 1.00 0.00 ? 20 DC  B P      1 
ATOM   604 O OP1    . DC  B 2 8  ? -0.748  -5.944  -12.021 1.00 0.00 ? 20 DC  B OP1    1 
ATOM   605 O OP2    . DC  B 2 8  ? 1.471   -6.046  -10.749 1.00 0.00 ? 20 DC  B OP2    1 
ATOM   606 O "O5'"  . DC  B 2 8  ? 0.202   -3.903  -10.935 1.00 0.00 ? 20 DC  B "O5'"  1 
ATOM   607 C "C5'"  . DC  B 2 8  ? -0.969  -3.119  -11.096 1.00 0.00 ? 20 DC  B "C5'"  1 
ATOM   608 C "C4'"  . DC  B 2 8  ? -0.713  -1.627  -10.865 1.00 0.00 ? 20 DC  B "C4'"  1 
ATOM   609 O "O4'"  . DC  B 2 8  ? -0.391  -1.382  -9.499  1.00 0.00 ? 20 DC  B "O4'"  1 
ATOM   610 C "C3'"  . DC  B 2 8  ? 0.404   -1.019  -11.735 1.00 0.00 ? 20 DC  B "C3'"  1 
ATOM   611 O "O3'"  . DC  B 2 8  ? -0.133  0.059   -12.499 1.00 0.00 ? 20 DC  B "O3'"  1 
ATOM   612 C "C2'"  . DC  B 2 8  ? 1.400   -0.561  -10.669 1.00 0.00 ? 20 DC  B "C2'"  1 
ATOM   613 C "C1'"  . DC  B 2 8  ? 0.484   -0.274  -9.479  1.00 0.00 ? 20 DC  B "C1'"  1 
ATOM   614 N N1     . DC  B 2 8  ? 1.166   -0.135  -8.158  1.00 0.00 ? 20 DC  B N1     1 
ATOM   615 C C2     . DC  B 2 8  ? 0.928   1.015   -7.391  1.00 0.00 ? 20 DC  B C2     1 
ATOM   616 O O2     . DC  B 2 8  ? 0.147   1.879   -7.771  1.00 0.00 ? 20 DC  B O2     1 
ATOM   617 N N3     . DC  B 2 8  ? 1.563   1.210   -6.208  1.00 0.00 ? 20 DC  B N3     1 
ATOM   618 C C4     . DC  B 2 8  ? 2.395   0.288   -5.782  1.00 0.00 ? 20 DC  B C4     1 
ATOM   619 N N4     . DC  B 2 8  ? 2.943   0.520   -4.622  1.00 0.00 ? 20 DC  B N4     1 
ATOM   620 C C5     . DC  B 2 8  ? 2.660   -0.917  -6.496  1.00 0.00 ? 20 DC  B C5     1 
ATOM   621 C C6     . DC  B 2 8  ? 2.023   -1.095  -7.685  1.00 0.00 ? 20 DC  B C6     1 
ATOM   622 H "H5'"  . DC  B 2 8  ? -1.725  -3.448  -10.382 1.00 0.00 ? 20 DC  B "H5'"  1 
ATOM   623 H "H5''" . DC  B 2 8  ? -1.358  -3.268  -12.101 1.00 0.00 ? 20 DC  B "H5''" 1 
ATOM   624 H "H4'"  . DC  B 2 8  ? -1.634  -1.088  -11.091 1.00 0.00 ? 20 DC  B "H4'"  1 
ATOM   625 H "H3'"  . DC  B 2 8  ? 0.851   -1.767  -12.392 1.00 0.00 ? 20 DC  B "H3'"  1 
ATOM   626 H "H2'"  . DC  B 2 8  ? 2.086   -1.380  -10.451 1.00 0.00 ? 20 DC  B "H2'"  1 
ATOM   627 H "H2''" . DC  B 2 8  ? 1.952   0.318   -10.981 1.00 0.00 ? 20 DC  B "H2''" 1 
ATOM   628 H "H1'"  . DC  B 2 8  ? -0.086  0.637   -9.701  1.00 0.00 ? 20 DC  B "H1'"  1 
ATOM   629 H H41    . DC  B 2 8  ? 3.564   -0.145  -4.219  1.00 0.00 ? 20 DC  B H41    1 
ATOM   630 H H42    . DC  B 2 8  ? 2.712   1.392   -4.156  1.00 0.00 ? 20 DC  B H42    1 
ATOM   631 H H5     . DC  B 2 8  ? 3.334   -1.667  -6.122  1.00 0.00 ? 20 DC  B H5     1 
ATOM   632 H H6     . DC  B 2 8  ? 2.170   -1.992  -8.271  1.00 0.00 ? 20 DC  B H6     1 
ATOM   633 P P      . DG  B 2 9  ? 0.750   0.956   -13.510 1.00 0.00 ? 21 DG  B P      1 
ATOM   634 O OP1    . DG  B 2 9  ? -0.077  1.255   -14.699 1.00 0.00 ? 21 DG  B OP1    1 
ATOM   635 O OP2    . DG  B 2 9  ? 2.074   0.322   -13.684 1.00 0.00 ? 21 DG  B OP2    1 
ATOM   636 O "O5'"  . DG  B 2 9  ? 0.942   2.317   -12.670 1.00 0.00 ? 21 DG  B "O5'"  1 
ATOM   637 C "C5'"  . DG  B 2 9  ? -0.185  3.126   -12.337 1.00 0.00 ? 21 DG  B "C5'"  1 
ATOM   638 C "C4'"  . DG  B 2 9  ? 0.157   4.433   -11.601 1.00 0.00 ? 21 DG  B "C4'"  1 
ATOM   639 O "O4'"  . DG  B 2 9  ? 0.632   4.133   -10.298 1.00 0.00 ? 21 DG  B "O4'"  1 
ATOM   640 C "C3'"  . DG  B 2 9  ? 1.201   5.307   -12.311 1.00 0.00 ? 21 DG  B "C3'"  1 
ATOM   641 O "O3'"  . DG  B 2 9  ? 0.835   6.680   -12.214 1.00 0.00 ? 21 DG  B "O3'"  1 
ATOM   642 C "C2'"  . DG  B 2 9  ? 2.459   4.977   -11.522 1.00 0.00 ? 21 DG  B "C2'"  1 
ATOM   643 C "C1'"  . DG  B 2 9  ? 1.916   4.705   -10.119 1.00 0.00 ? 21 DG  B "C1'"  1 
ATOM   644 N N9     . DG  B 2 9  ? 2.773   3.772   -9.354  1.00 0.00 ? 21 DG  B N9     1 
ATOM   645 C C8     . DG  B 2 9  ? 3.252   2.547   -9.743  1.00 0.00 ? 21 DG  B C8     1 
ATOM   646 N N7     . DG  B 2 9  ? 4.045   1.973   -8.876  1.00 0.00 ? 21 DG  B N7     1 
ATOM   647 C C5     . DG  B 2 9  ? 4.073   2.887   -7.808  1.00 0.00 ? 21 DG  B C5     1 
ATOM   648 C C6     . DG  B 2 9  ? 4.769   2.876   -6.544  1.00 0.00 ? 21 DG  B C6     1 
ATOM   649 O O6     . DG  B 2 9  ? 5.520   2.021   -6.070  1.00 0.00 ? 21 DG  B O6     1 
ATOM   650 N N1     . DG  B 2 9  ? 4.574   4.022   -5.801  1.00 0.00 ? 21 DG  B N1     1 
ATOM   651 C C2     . DG  B 2 9  ? 3.820   5.067   -6.211  1.00 0.00 ? 21 DG  B C2     1 
ATOM   652 N N2     . DG  B 2 9  ? 3.767   6.125   -5.455  1.00 0.00 ? 21 DG  B N2     1 
ATOM   653 N N3     . DG  B 2 9  ? 3.176   5.133   -7.367  1.00 0.00 ? 21 DG  B N3     1 
ATOM   654 C C4     . DG  B 2 9  ? 3.319   4.001   -8.114  1.00 0.00 ? 21 DG  B C4     1 
ATOM   655 H "H5'"  . DG  B 2 9  ? -0.861  2.548   -11.706 1.00 0.00 ? 21 DG  B "H5'"  1 
ATOM   656 H "H5''" . DG  B 2 9  ? -0.714  3.380   -13.255 1.00 0.00 ? 21 DG  B "H5''" 1 
ATOM   657 H "H4'"  . DG  B 2 9  ? -0.760  5.014   -11.504 1.00 0.00 ? 21 DG  B "H4'"  1 
ATOM   658 H "H3'"  . DG  B 2 9  ? 1.309   5.016   -13.358 1.00 0.00 ? 21 DG  B "H3'"  1 
ATOM   659 H "H2'"  . DG  B 2 9  ? 2.918   4.086   -11.949 1.00 0.00 ? 21 DG  B "H2'"  1 
ATOM   660 H "H2''" . DG  B 2 9  ? 3.165   5.802   -11.528 1.00 0.00 ? 21 DG  B "H2''" 1 
ATOM   661 H "H1'"  . DG  B 2 9  ? 1.817   5.648   -9.574  1.00 0.00 ? 21 DG  B "H1'"  1 
ATOM   662 H H8     . DG  B 2 9  ? 2.985   2.116   -10.698 1.00 0.00 ? 21 DG  B H8     1 
ATOM   663 H H1     . DG  B 2 9  ? 4.986   4.054   -4.881  1.00 0.00 ? 21 DG  B H1     1 
ATOM   664 H H21    . DG  B 2 9  ? 3.177   6.868   -5.774  1.00 0.00 ? 21 DG  B H21    1 
ATOM   665 H H22    . DG  B 2 9  ? 4.246   6.144   -4.556  1.00 0.00 ? 21 DG  B H22    1 
ATOM   666 P P      . DC  B 2 10 ? 1.681   7.863   -12.916 1.00 0.00 ? 22 DC  B P      1 
ATOM   667 O OP1    . DC  B 2 10 ? 0.728   8.917   -13.330 1.00 0.00 ? 22 DC  B OP1    1 
ATOM   668 O OP2    . DC  B 2 10 ? 2.584   7.264   -13.924 1.00 0.00 ? 22 DC  B OP2    1 
ATOM   669 O "O5'"  . DC  B 2 10 ? 2.585   8.427   -11.701 1.00 0.00 ? 22 DC  B "O5'"  1 
ATOM   670 C "C5'"  . DC  B 2 10 ? 1.980   9.116   -10.611 1.00 0.00 ? 22 DC  B "C5'"  1 
ATOM   671 C "C4'"  . DC  B 2 10 ? 2.968   9.600   -9.532  1.00 0.00 ? 22 DC  B "C4'"  1 
ATOM   672 O "O4'"  . DC  B 2 10 ? 3.523   8.491   -8.838  1.00 0.00 ? 22 DC  B "O4'"  1 
ATOM   673 C "C3'"  . DC  B 2 10 ? 4.117   10.477  -10.055 1.00 0.00 ? 22 DC  B "C3'"  1 
ATOM   674 O "O3'"  . DC  B 2 10 ? 4.141   11.720  -9.356  1.00 0.00 ? 22 DC  B "O3'"  1 
ATOM   675 C "C2'"  . DC  B 2 10 ? 5.348   9.625   -9.755  1.00 0.00 ? 22 DC  B "C2'"  1 
ATOM   676 C "C1'"  . DC  B 2 10 ? 4.899   8.725   -8.602  1.00 0.00 ? 22 DC  B "C1'"  1 
ATOM   677 N N1     . DC  B 2 10 ? 5.613   7.415   -8.577  1.00 0.00 ? 22 DC  B N1     1 
ATOM   678 C C2     . DC  B 2 10 ? 6.475   7.095   -7.520  1.00 0.00 ? 22 DC  B C2     1 
ATOM   679 O O2     . DC  B 2 10 ? 6.721   7.893   -6.618  1.00 0.00 ? 22 DC  B O2     1 
ATOM   680 N N3     . DC  B 2 10 ? 7.083   5.882   -7.469  1.00 0.00 ? 22 DC  B N3     1 
ATOM   681 C C4     . DC  B 2 10 ? 6.826   5.010   -8.415  1.00 0.00 ? 22 DC  B C4     1 
ATOM   682 N N4     . DC  B 2 10 ? 7.380   3.842   -8.275  1.00 0.00 ? 22 DC  B N4     1 
ATOM   683 C C5     . DC  B 2 10 ? 5.994   5.280   -9.533  1.00 0.00 ? 22 DC  B C5     1 
ATOM   684 C C6     . DC  B 2 10 ? 5.398   6.499   -9.578  1.00 0.00 ? 22 DC  B C6     1 
ATOM   685 H "H5'"  . DC  B 2 10 ? 1.252   8.454   -10.138 1.00 0.00 ? 22 DC  B "H5'"  1 
ATOM   686 H "H5''" . DC  B 2 10 ? 1.446   9.983   -10.999 1.00 0.00 ? 22 DC  B "H5''" 1 
ATOM   687 H "H4'"  . DC  B 2 10 ? 2.405   10.193  -8.811  1.00 0.00 ? 22 DC  B "H4'"  1 
ATOM   688 H "H3'"  . DC  B 2 10 ? 4.014   10.646  -11.131 1.00 0.00 ? 22 DC  B "H3'"  1 
ATOM   689 H "H2'"  . DC  B 2 10 ? 5.596   9.039   -10.640 1.00 0.00 ? 22 DC  B "H2'"  1 
ATOM   690 H "H2''" . DC  B 2 10 ? 6.195   10.240  -9.462  1.00 0.00 ? 22 DC  B "H2''" 1 
ATOM   691 H "H1'"  . DC  B 2 10 ? 5.027   9.258   -7.655  1.00 0.00 ? 22 DC  B "H1'"  1 
ATOM   692 H H41    . DC  B 2 10 ? 7.013   3.078   -8.806  1.00 0.00 ? 22 DC  B H41    1 
ATOM   693 H H42    . DC  B 2 10 ? 7.857   3.659   -7.391  1.00 0.00 ? 22 DC  B H42    1 
ATOM   694 H H5     . DC  B 2 10 ? 5.796   4.553   -10.302 1.00 0.00 ? 22 DC  B H5     1 
ATOM   695 H H6     . DC  B 2 10 ? 4.713   6.772   -10.375 1.00 0.00 ? 22 DC  B H6     1 
ATOM   696 P P      . DA  B 2 11 ? 5.106   12.944  -9.780  1.00 0.00 ? 23 DA  B P      1 
ATOM   697 O OP1    . DA  B 2 11 ? 4.436   14.211  -9.412  1.00 0.00 ? 23 DA  B OP1    1 
ATOM   698 O OP2    . DA  B 2 11 ? 5.563   12.739  -11.173 1.00 0.00 ? 23 DA  B OP2    1 
ATOM   699 O "O5'"  . DA  B 2 11 ? 6.387   12.758  -8.816  1.00 0.00 ? 23 DA  B "O5'"  1 
ATOM   700 C "C5'"  . DA  B 2 11 ? 6.301   13.053  -7.428  1.00 0.00 ? 23 DA  B "C5'"  1 
ATOM   701 C "C4'"  . DA  B 2 11 ? 7.642   12.906  -6.692  1.00 0.00 ? 23 DA  B "C4'"  1 
ATOM   702 O "O4'"  . DA  B 2 11 ? 7.948   11.524  -6.533  1.00 0.00 ? 23 DA  B "O4'"  1 
ATOM   703 C "C3'"  . DA  B 2 11 ? 8.823   13.604  -7.389  1.00 0.00 ? 23 DA  B "C3'"  1 
ATOM   704 O "O3'"  . DA  B 2 11 ? 9.514   14.462  -6.476  1.00 0.00 ? 23 DA  B "O3'"  1 
ATOM   705 C "C2'"  . DA  B 2 11 ? 9.655   12.407  -7.848  1.00 0.00 ? 23 DA  B "C2'"  1 
ATOM   706 C "C1'"  . DA  B 2 11 ? 9.304   11.296  -6.853  1.00 0.00 ? 23 DA  B "C1'"  1 
ATOM   707 N N9     . DA  B 2 11 ? 9.448   9.922   -7.408  1.00 0.00 ? 23 DA  B N9     1 
ATOM   708 C C8     . DA  B 2 11 ? 8.929   9.420   -8.577  1.00 0.00 ? 23 DA  B C8     1 
ATOM   709 N N7     . DA  B 2 11 ? 9.197   8.160   -8.804  1.00 0.00 ? 23 DA  B N7     1 
ATOM   710 C C5     . DA  B 2 11 ? 9.907   7.785   -7.647  1.00 0.00 ? 23 DA  B C5     1 
ATOM   711 C C6     . DA  B 2 11 ? 10.472  6.578   -7.163  1.00 0.00 ? 23 DA  B C6     1 
ATOM   712 N N6     . DA  B 2 11 ? 10.349  5.403   -7.750  1.00 0.00 ? 23 DA  B N6     1 
ATOM   713 N N1     . DA  B 2 11 ? 11.201  6.548   -6.045  1.00 0.00 ? 23 DA  B N1     1 
ATOM   714 C C2     . DA  B 2 11 ? 11.331  7.681   -5.369  1.00 0.00 ? 23 DA  B C2     1 
ATOM   715 N N3     . DA  B 2 11 ? 10.857  8.885   -5.680  1.00 0.00 ? 23 DA  B N3     1 
ATOM   716 C C4     . DA  B 2 11 ? 10.117  8.864   -6.827  1.00 0.00 ? 23 DA  B C4     1 
ATOM   717 H "H5'"  . DA  B 2 11 ? 5.566   12.394  -6.964  1.00 0.00 ? 23 DA  B "H5'"  1 
ATOM   718 H "H5''" . DA  B 2 11 ? 5.956   14.081  -7.312  1.00 0.00 ? 23 DA  B "H5''" 1 
ATOM   719 H "H4'"  . DA  B 2 11 ? 7.530   13.344  -5.700  1.00 0.00 ? 23 DA  B "H4'"  1 
ATOM   720 H "H3'"  . DA  B 2 11 ? 8.474   14.181  -8.250  1.00 0.00 ? 23 DA  B "H3'"  1 
ATOM   721 H "H2'"  . DA  B 2 11 ? 9.339   12.137  -8.855  1.00 0.00 ? 23 DA  B "H2'"  1 
ATOM   722 H "H2''" . DA  B 2 11 ? 10.715  12.631  -7.832  1.00 0.00 ? 23 DA  B "H2''" 1 
ATOM   723 H "H1'"  . DA  B 2 11 ? 9.913   11.398  -5.952  1.00 0.00 ? 23 DA  B "H1'"  1 
ATOM   724 H H8     . DA  B 2 11 ? 8.351   10.034  -9.254  1.00 0.00 ? 23 DA  B H8     1 
ATOM   725 H H61    . DA  B 2 11 ? 9.619   5.302   -8.436  1.00 0.00 ? 23 DA  B H61    1 
ATOM   726 H H62    . DA  B 2 11 ? 10.742  4.588   -7.294  1.00 0.00 ? 23 DA  B H62    1 
ATOM   727 H H2     . DA  B 2 11 ? 11.913  7.621   -4.460  1.00 0.00 ? 23 DA  B H2     1 
ATOM   728 P P      . DC  B 2 12 ? 10.715  15.448  -6.930  1.00 0.00 ? 24 DC  B P      1 
ATOM   729 O OP1    . DC  B 2 12 ? 10.859  16.548  -5.951  1.00 0.00 ? 24 DC  B OP1    1 
ATOM   730 O OP2    . DC  B 2 12 ? 10.610  15.752  -8.370  1.00 0.00 ? 24 DC  B OP2    1 
ATOM   731 O "O5'"  . DC  B 2 12 ? 11.996  14.506  -6.749  1.00 0.00 ? 24 DC  B "O5'"  1 
ATOM   732 C "C5'"  . DC  B 2 12 ? 12.415  14.099  -5.462  1.00 0.00 ? 24 DC  B "C5'"  1 
ATOM   733 C "C4'"  . DC  B 2 12 ? 13.520  13.046  -5.577  1.00 0.00 ? 24 DC  B "C4'"  1 
ATOM   734 O "O4'"  . DC  B 2 12 ? 12.978  11.829  -6.056  1.00 0.00 ? 24 DC  B "O4'"  1 
ATOM   735 C "C3'"  . DC  B 2 12 ? 14.658  13.414  -6.548  1.00 0.00 ? 24 DC  B "C3'"  1 
ATOM   736 O "O3'"  . DC  B 2 12 ? 15.833  13.884  -5.896  1.00 0.00 ? 24 DC  B "O3'"  1 
ATOM   737 C "C2'"  . DC  B 2 12 ? 14.954  12.096  -7.260  1.00 0.00 ? 24 DC  B "C2'"  1 
ATOM   738 C "C1'"  . DC  B 2 12 ? 14.048  11.074  -6.567  1.00 0.00 ? 24 DC  B "C1'"  1 
ATOM   739 N N1     . DC  B 2 12 ? 13.563  10.025  -7.503  1.00 0.00 ? 24 DC  B N1     1 
ATOM   740 C C2     . DC  B 2 12 ? 14.091  8.736   -7.408  1.00 0.00 ? 24 DC  B C2     1 
ATOM   741 O O2     . DC  B 2 12 ? 14.915  8.450   -6.543  1.00 0.00 ? 24 DC  B O2     1 
ATOM   742 N N3     . DC  B 2 12 ? 13.737  7.777   -8.291  1.00 0.00 ? 24 DC  B N3     1 
ATOM   743 C C4     . DC  B 2 12 ? 12.845  8.059   -9.208  1.00 0.00 ? 24 DC  B C4     1 
ATOM   744 N N4     . DC  B 2 12 ? 12.502  7.070   -9.972  1.00 0.00 ? 24 DC  B N4     1 
ATOM   745 C C5     . DC  B 2 12 ? 12.280  9.354   -9.372  1.00 0.00 ? 24 DC  B C5     1 
ATOM   746 C C6     . DC  B 2 12 ? 12.662  10.316  -8.497  1.00 0.00 ? 24 DC  B C6     1 
ATOM   747 H "H5'"  . DC  B 2 12 ? 11.572  13.671  -4.917  1.00 0.00 ? 24 DC  B "H5'"  1 
ATOM   748 H "H5''" . DC  B 2 12 ? 12.782  14.968  -4.914  1.00 0.00 ? 24 DC  B "H5''" 1 
ATOM   749 H "H4'"  . DC  B 2 12 ? 13.941  12.870  -4.586  1.00 0.00 ? 24 DC  B "H4'"  1 
ATOM   750 H "H3'"  . DC  B 2 12 ? 14.305  14.147  -7.279  1.00 0.00 ? 24 DC  B "H3'"  1 
ATOM   751 H "HO3'" . DC  B 2 12 ? 15.896  14.831  -6.062  1.00 0.00 ? 24 DC  B "HO3'" 1 
ATOM   752 H "H2'"  . DC  B 2 12 ? 14.689  12.198  -8.312  1.00 0.00 ? 24 DC  B "H2'"  1 
ATOM   753 H "H2''" . DC  B 2 12 ? 16.000  11.808  -7.162  1.00 0.00 ? 24 DC  B "H2''" 1 
ATOM   754 H "H1'"  . DC  B 2 12 ? 14.581  10.615  -5.732  1.00 0.00 ? 24 DC  B "H1'"  1 
ATOM   755 H H41    . DC  B 2 12 ? 11.633  7.133   -10.464 1.00 0.00 ? 24 DC  B H41    1 
ATOM   756 H H42    . DC  B 2 12 ? 12.918  6.168   -9.746  1.00 0.00 ? 24 DC  B H42    1 
ATOM   757 H H5     . DC  B 2 12 ? 11.547  9.568   -10.130 1.00 0.00 ? 24 DC  B H5     1 
ATOM   758 H H6     . DC  B 2 12 ? 12.249  11.318  -8.548  1.00 0.00 ? 24 DC  B H6     1 
# 
